data_5V6L
#
_entry.id   5V6L
#
_cell.length_a   43.234
_cell.length_b   173.904
_cell.length_c   70.912
_cell.angle_alpha   90.00
_cell.angle_beta   99.98
_cell.angle_gamma   90.00
#
_symmetry.space_group_name_H-M   'P 1 21 1'
#
loop_
_entity.id
_entity.type
_entity.pdbx_description
1 polymer 'Light chain of Fab fragment of rabbit anti-HIV1 gp120 V3 mAb 10A37'
2 polymer 'Heavy chain of Fab fragment of rabbit anti-HIV1 gp120 V3 mAb 10A37'
3 polymer 'Envelope glycoprotein, v3 region'
4 water water
#
loop_
_entity_poly.entity_id
_entity_poly.type
_entity_poly.pdbx_seq_one_letter_code
_entity_poly.pdbx_strand_id
1 'polypeptide(L)'
;ALVMTQTPSSVSAAVGGTVTINCQASEDIQRNLAWYQQKPGQRPKFLIYGVSNLESGVPSRFKGSGSGTEYTLTISDLEC
DDAATYYCQSALYTSATDICAFGGGTEVVVKGDPVAPTVLIFPPAADQVATGTVTIVCVANKYFPDVTVTWEVDGTTQTT
GIENSKTPQNSADCTYNLSSTLTLTSTQYNSHKEYTCKVTQGTTSVVQSFNRGDC
;
L,M
2 'polypeptide(L)'
;QEQLVESGGGLVKPGGTLTLTCTASGFSFSSGFFMCWVRQAPGKGLEWIGCIYGGSNDNTYYANWAKGRFTISKTSSTTV
TLQMTSRTAADTATYFCARDAGTSGYIAYNLWGPGTLVTVSSGQPKAPSVFPLAPCCGDTPSSTVTLGCLVKGYLPEPVT
VTWNSGTLTNGVRTFPSVRQSSGLYSLSSVVSVTSSSQPVTCNVAHPATNTKVDKTVAPS
;
H,I
3 'polypeptide(L)' NNTRKSIHIGPGRAFYTTGEIIG P,Q
#
# COMPACT_ATOMS: atom_id res chain seq x y z
N ALA A 1 3.17 29.32 41.59
CA ALA A 1 2.84 30.48 40.77
C ALA A 1 1.32 30.66 40.66
N LEU A 2 0.87 31.11 39.49
CA LEU A 2 -0.55 31.15 39.19
C LEU A 2 -1.02 29.74 38.80
N VAL A 3 -1.99 29.22 39.55
CA VAL A 3 -2.61 27.93 39.24
C VAL A 3 -4.10 28.14 39.04
N MET A 4 -4.62 27.59 37.96
CA MET A 4 -6.06 27.55 37.75
C MET A 4 -6.57 26.15 38.10
N THR A 5 -7.75 26.10 38.72
CA THR A 5 -8.33 24.84 39.17
C THR A 5 -9.80 24.81 38.79
N GLN A 6 -10.16 23.89 37.90
CA GLN A 6 -11.54 23.74 37.48
C GLN A 6 -12.19 22.68 38.36
N THR A 7 -13.35 23.00 38.90
CA THR A 7 -13.75 22.22 40.08
C THR A 7 -14.40 20.89 39.70
N PRO A 8 -15.60 20.86 39.11
CA PRO A 8 -16.19 19.55 38.80
C PRO A 8 -15.42 18.93 37.65
N SER A 9 -14.77 17.80 37.92
CA SER A 9 -13.90 17.20 36.90
C SER A 9 -14.69 16.67 35.72
N SER A 10 -15.94 16.28 35.96
CA SER A 10 -16.87 15.81 34.96
C SER A 10 -18.25 16.32 35.31
N VAL A 11 -19.17 16.25 34.34
CA VAL A 11 -20.54 16.65 34.60
C VAL A 11 -21.49 16.24 33.47
N SER A 12 -22.73 15.89 33.82
CA SER A 12 -23.74 15.48 32.86
C SER A 12 -25.00 16.32 33.01
N ALA A 13 -25.72 16.49 31.91
CA ALA A 13 -27.03 17.12 31.91
C ALA A 13 -27.76 16.68 30.64
N ALA A 14 -29.07 16.85 30.63
CA ALA A 14 -29.84 16.48 29.45
C ALA A 14 -29.76 17.57 28.38
N VAL A 15 -30.15 17.17 27.17
CA VAL A 15 -30.31 18.16 26.11
C VAL A 15 -31.33 19.18 26.59
N GLY A 16 -31.05 20.45 26.30
CA GLY A 16 -31.90 21.55 26.71
C GLY A 16 -31.70 22.03 28.12
N GLY A 17 -30.92 21.33 28.92
CA GLY A 17 -30.63 21.75 30.27
C GLY A 17 -29.44 22.67 30.36
N THR A 18 -28.86 22.73 31.56
CA THR A 18 -27.88 23.75 31.88
C THR A 18 -26.85 23.16 32.83
N VAL A 19 -25.59 23.54 32.63
CA VAL A 19 -24.49 23.05 33.42
C VAL A 19 -23.58 24.23 33.77
N THR A 20 -22.84 24.10 34.87
CA THR A 20 -21.99 25.18 35.37
C THR A 20 -20.63 24.63 35.77
N ILE A 21 -19.58 25.16 35.18
CA ILE A 21 -18.21 24.85 35.54
C ILE A 21 -17.63 26.06 36.24
N ASN A 22 -16.83 25.84 37.28
CA ASN A 22 -16.11 26.93 37.89
C ASN A 22 -14.62 26.68 37.81
N CYS A 23 -13.88 27.79 37.81
CA CYS A 23 -12.43 27.83 37.67
C CYS A 23 -11.92 28.78 38.75
N GLN A 24 -10.88 28.35 39.47
CA GLN A 24 -10.34 29.11 40.58
C GLN A 24 -8.94 29.62 40.24
N ALA A 25 -8.72 30.92 40.47
CA ALA A 25 -7.43 31.56 40.23
C ALA A 25 -6.74 31.85 41.56
N SER A 26 -5.41 31.74 41.56
CA SER A 26 -4.64 31.93 42.77
C SER A 26 -4.71 33.36 43.29
N GLU A 27 -4.68 34.33 42.40
CA GLU A 27 -4.61 35.75 42.77
C GLU A 27 -5.80 36.49 42.16
N ASP A 28 -5.75 37.82 42.22
CA ASP A 28 -6.77 38.62 41.53
C ASP A 28 -6.36 38.74 40.07
N ILE A 29 -7.11 38.06 39.21
CA ILE A 29 -6.81 38.04 37.79
C ILE A 29 -7.49 39.19 37.08
N GLN A 30 -8.41 39.88 37.75
CA GLN A 30 -9.04 41.08 37.21
C GLN A 30 -9.67 40.79 35.85
N ARG A 31 -10.45 39.71 35.81
CA ARG A 31 -11.30 39.35 34.68
C ARG A 31 -10.53 38.89 33.44
N ASN A 32 -9.24 38.56 33.57
CA ASN A 32 -8.45 38.09 32.42
C ASN A 32 -8.62 36.58 32.31
N LEU A 33 -9.74 36.16 31.75
CA LEU A 33 -10.10 34.74 31.76
C LEU A 33 -10.67 34.28 30.43
N ALA A 34 -10.01 33.29 29.84
CA ALA A 34 -10.38 32.73 28.55
C ALA A 34 -10.88 31.29 28.69
N TRP A 35 -11.86 30.94 27.86
CA TRP A 35 -12.43 29.60 27.83
C TRP A 35 -12.17 28.96 26.48
N TYR A 36 -12.04 27.64 26.50
CA TYR A 36 -11.83 26.85 25.29
C TYR A 36 -12.65 25.57 25.41
N GLN A 37 -13.13 25.09 24.27
CA GLN A 37 -13.82 23.81 24.15
C GLN A 37 -12.95 22.87 23.32
N GLN A 38 -12.69 21.66 23.82
CA GLN A 38 -11.90 20.71 23.05
C GLN A 38 -12.59 19.36 23.00
N LYS A 39 -13.00 18.98 21.82
CA LYS A 39 -13.48 17.62 21.67
C LYS A 39 -12.29 16.71 21.40
N PRO A 40 -12.33 15.47 21.87
CA PRO A 40 -11.20 14.56 21.67
C PRO A 40 -10.85 14.35 20.22
N GLY A 41 -9.56 14.44 19.91
CA GLY A 41 -9.11 14.30 18.55
C GLY A 41 -8.88 15.61 17.85
N GLN A 42 -9.35 16.72 18.41
CA GLN A 42 -9.34 17.99 17.73
C GLN A 42 -8.57 19.03 18.53
N ARG A 43 -8.20 20.09 17.83
CA ARG A 43 -7.58 21.23 18.47
C ARG A 43 -8.59 21.98 19.33
N PRO A 44 -8.12 22.72 20.33
CA PRO A 44 -9.03 23.53 21.14
C PRO A 44 -9.69 24.63 20.33
N LYS A 45 -10.93 24.94 20.71
CA LYS A 45 -11.73 26.00 20.10
C LYS A 45 -11.87 27.16 21.08
N PHE A 46 -11.43 28.34 20.65
CA PHE A 46 -11.55 29.57 21.42
C PHE A 46 -13.01 29.98 21.58
N LEU A 47 -13.44 30.17 22.83
CA LEU A 47 -14.83 30.45 23.15
C LEU A 47 -15.07 31.88 23.63
N ILE A 48 -14.22 32.32 24.56
CA ILE A 48 -14.45 33.50 25.37
C ILE A 48 -13.10 34.08 25.76
N TYR A 49 -12.98 35.40 25.74
CA TYR A 49 -11.83 36.06 26.33
C TYR A 49 -12.35 37.16 27.24
N GLY A 50 -11.60 37.43 28.31
CA GLY A 50 -12.00 38.42 29.29
C GLY A 50 -13.26 38.05 30.05
N VAL A 51 -13.30 36.84 30.61
CA VAL A 51 -14.38 36.34 31.46
C VAL A 51 -15.69 36.14 30.71
N SER A 52 -15.97 36.98 29.72
CA SER A 52 -17.29 36.89 29.12
C SER A 52 -17.40 37.36 27.67
N ASN A 53 -16.33 37.79 27.00
CA ASN A 53 -16.48 38.28 25.64
C ASN A 53 -16.52 37.12 24.65
N LEU A 54 -17.69 36.88 24.07
CA LEU A 54 -17.87 35.80 23.11
C LEU A 54 -17.11 36.09 21.82
N GLU A 55 -16.23 35.17 21.43
CA GLU A 55 -15.70 35.18 20.07
C GLU A 55 -16.85 34.97 19.10
N SER A 56 -16.69 35.46 17.87
CA SER A 56 -17.77 35.38 16.88
C SER A 56 -18.08 33.93 16.53
N GLY A 57 -19.37 33.68 16.27
CA GLY A 57 -19.86 32.35 16.02
C GLY A 57 -20.16 31.55 17.27
N VAL A 58 -19.70 31.99 18.43
CA VAL A 58 -19.97 31.31 19.68
C VAL A 58 -21.32 31.81 20.13
N PRO A 59 -22.33 30.94 20.25
CA PRO A 59 -23.67 31.42 20.58
C PRO A 59 -23.74 31.99 21.98
N SER A 60 -24.81 32.72 22.21
CA SER A 60 -24.93 33.52 23.42
C SER A 60 -25.10 32.66 24.67
N ARG A 61 -25.62 31.43 24.52
CA ARG A 61 -25.92 30.61 25.68
C ARG A 61 -24.68 30.17 26.46
N PHE A 62 -23.49 30.60 26.06
CA PHE A 62 -22.28 30.40 26.85
C PHE A 62 -22.07 31.64 27.69
N LYS A 63 -22.51 31.57 28.94
CA LYS A 63 -22.43 32.69 29.86
C LYS A 63 -21.22 32.50 30.77
N GLY A 64 -20.19 33.32 30.53
CA GLY A 64 -19.07 33.42 31.44
C GLY A 64 -19.34 34.55 32.42
N SER A 65 -18.99 34.31 33.68
CA SER A 65 -19.13 35.31 34.73
C SER A 65 -17.96 35.18 35.70
N GLY A 66 -18.01 35.97 36.76
CA GLY A 66 -16.98 35.94 37.79
C GLY A 66 -16.31 37.29 37.96
N SER A 67 -15.49 37.35 39.00
CA SER A 67 -14.76 38.55 39.38
C SER A 67 -13.72 38.17 40.42
N GLY A 68 -12.54 38.75 40.31
CA GLY A 68 -11.50 38.51 41.28
C GLY A 68 -10.94 37.09 41.31
N THR A 69 -11.55 36.23 42.11
CA THR A 69 -11.02 34.89 42.35
C THR A 69 -11.89 33.77 41.81
N GLU A 70 -13.19 34.00 41.66
CA GLU A 70 -14.12 32.95 41.30
C GLU A 70 -14.79 33.33 39.99
N TYR A 71 -14.65 32.45 39.00
CA TYR A 71 -15.26 32.64 37.69
C TYR A 71 -16.05 31.39 37.37
N THR A 72 -17.04 31.56 36.50
CA THR A 72 -17.97 30.50 36.20
C THR A 72 -18.26 30.52 34.72
N LEU A 73 -18.31 29.34 34.12
CA LEU A 73 -18.87 29.16 32.79
C LEU A 73 -20.20 28.47 32.96
N THR A 74 -21.23 29.00 32.31
CA THR A 74 -22.56 28.43 32.41
C THR A 74 -23.04 28.15 30.99
N ILE A 75 -23.22 26.86 30.70
CA ILE A 75 -23.73 26.44 29.40
C ILE A 75 -25.20 26.11 29.59
N SER A 76 -26.06 26.86 28.92
CA SER A 76 -27.50 26.64 28.99
C SER A 76 -28.02 26.23 27.61
N ASP A 77 -29.25 25.71 27.59
CA ASP A 77 -29.83 25.14 26.37
C ASP A 77 -28.85 24.13 25.78
N LEU A 78 -28.28 23.30 26.65
CA LEU A 78 -27.20 22.39 26.29
C LEU A 78 -27.57 21.58 25.06
N GLU A 79 -26.63 21.43 24.14
CA GLU A 79 -26.88 20.58 22.99
C GLU A 79 -25.75 19.58 22.84
N CYS A 80 -26.02 18.52 22.06
CA CYS A 80 -25.05 17.43 21.90
C CYS A 80 -23.70 17.96 21.40
N ASP A 81 -23.72 19.01 20.57
CA ASP A 81 -22.47 19.63 20.14
C ASP A 81 -21.67 20.21 21.29
N ASP A 82 -22.19 20.24 22.51
CA ASP A 82 -21.42 20.74 23.63
C ASP A 82 -20.60 19.65 24.31
N ALA A 83 -20.77 18.40 23.90
CA ALA A 83 -20.00 17.33 24.51
C ALA A 83 -18.52 17.56 24.22
N ALA A 84 -17.77 17.85 25.27
CA ALA A 84 -16.36 18.21 25.12
C ALA A 84 -15.73 18.44 26.48
N THR A 85 -14.44 18.71 26.49
CA THR A 85 -13.73 19.17 27.67
C THR A 85 -13.54 20.67 27.55
N TYR A 86 -13.84 21.40 28.61
CA TYR A 86 -13.71 22.85 28.61
C TYR A 86 -12.57 23.25 29.52
N TYR A 87 -11.77 24.21 29.07
CA TYR A 87 -10.58 24.66 29.78
C TYR A 87 -10.68 26.16 30.07
N CYS A 88 -10.43 26.54 31.31
CA CYS A 88 -10.18 27.93 31.61
C CYS A 88 -8.69 28.22 31.50
N GLN A 89 -8.38 29.48 31.22
CA GLN A 89 -7.01 29.93 31.03
C GLN A 89 -6.92 31.39 31.45
N SER A 90 -5.88 31.74 32.20
CA SER A 90 -5.65 33.12 32.59
C SER A 90 -4.16 33.42 32.53
N ALA A 91 -3.82 34.66 32.85
CA ALA A 91 -2.44 35.10 32.72
C ALA A 91 -2.16 36.23 33.70
N LEU A 92 -0.97 36.18 34.29
CA LEU A 92 -0.39 37.28 35.04
C LEU A 92 0.81 37.78 34.25
N TYR A 93 0.85 39.09 33.98
CA TYR A 93 1.85 39.63 33.06
C TYR A 93 3.09 40.17 33.75
N THR A 94 3.60 39.47 34.77
CA THR A 94 4.79 39.93 35.48
C THR A 94 5.97 38.98 35.41
N SER A 95 5.73 37.67 35.42
CA SER A 95 6.81 36.70 35.38
C SER A 95 6.73 35.83 34.12
N ALA A 96 7.88 35.23 33.78
CA ALA A 96 7.96 34.40 32.58
C ALA A 96 7.06 33.18 32.64
N THR A 97 6.84 32.62 33.83
CA THR A 97 6.01 31.42 33.95
C THR A 97 4.52 31.73 34.08
N ASP A 98 4.13 33.01 34.17
CA ASP A 98 2.72 33.34 34.31
C ASP A 98 2.12 34.03 33.09
N ILE A 99 2.83 34.06 31.96
CA ILE A 99 2.20 34.49 30.71
C ILE A 99 0.99 33.61 30.38
N CYS A 100 1.02 32.35 30.80
CA CYS A 100 -0.09 31.48 30.50
C CYS A 100 -0.12 30.35 31.52
N ALA A 101 -1.32 30.05 32.01
CA ALA A 101 -1.59 28.90 32.84
C ALA A 101 -2.94 28.34 32.46
N PHE A 102 -3.01 27.04 32.20
CA PHE A 102 -4.27 26.40 31.86
C PHE A 102 -4.87 25.71 33.07
N GLY A 103 -6.19 25.73 33.14
CA GLY A 103 -6.89 24.90 34.09
C GLY A 103 -6.80 23.43 33.73
N GLY A 104 -7.30 22.59 34.64
CA GLY A 104 -7.20 21.16 34.46
C GLY A 104 -8.26 20.55 33.56
N GLY A 105 -9.33 21.26 33.30
CA GLY A 105 -10.33 20.76 32.39
C GLY A 105 -11.50 20.11 33.08
N THR A 106 -12.67 20.26 32.46
CA THR A 106 -13.92 19.69 32.95
C THR A 106 -14.60 18.99 31.77
N GLU A 107 -14.90 17.70 31.92
CA GLU A 107 -15.62 16.98 30.89
C GLU A 107 -17.11 17.25 31.02
N VAL A 108 -17.77 17.50 29.88
CA VAL A 108 -19.20 17.72 29.83
C VAL A 108 -19.80 16.63 28.95
N VAL A 109 -20.70 15.83 29.53
CA VAL A 109 -21.41 14.74 28.86
C VAL A 109 -22.86 15.14 28.68
N VAL A 110 -23.39 15.02 27.47
CA VAL A 110 -24.76 15.40 27.17
C VAL A 110 -25.64 14.16 26.97
N LYS A 111 -26.75 14.10 27.72
CA LYS A 111 -27.68 12.97 27.67
C LYS A 111 -28.75 13.24 26.62
N GLY A 112 -28.78 12.45 25.57
CA GLY A 112 -29.77 12.56 24.54
C GLY A 112 -30.80 11.45 24.57
N ASP A 113 -31.49 11.31 23.44
CA ASP A 113 -32.47 10.25 23.28
C ASP A 113 -31.77 8.90 23.33
N PRO A 114 -32.25 7.96 24.15
CA PRO A 114 -31.66 6.62 24.13
C PRO A 114 -31.89 5.96 22.77
N VAL A 115 -30.82 5.39 22.22
CA VAL A 115 -30.86 4.65 20.96
C VAL A 115 -30.12 3.34 21.21
N ALA A 116 -30.74 2.25 20.82
CA ALA A 116 -30.17 0.94 20.94
C ALA A 116 -29.12 0.71 19.85
N PRO A 117 -28.05 -0.02 20.15
CA PRO A 117 -26.97 -0.19 19.17
C PRO A 117 -27.37 -1.18 18.11
N THR A 118 -26.81 -0.99 16.92
CA THR A 118 -26.75 -2.06 15.93
C THR A 118 -25.34 -2.65 15.95
N VAL A 119 -25.27 -3.97 15.89
CA VAL A 119 -24.02 -4.69 16.10
C VAL A 119 -23.62 -5.38 14.81
N LEU A 120 -22.34 -5.26 14.47
CA LEU A 120 -21.76 -5.92 13.31
C LEU A 120 -20.53 -6.70 13.77
N ILE A 121 -20.33 -7.88 13.22
CA ILE A 121 -19.12 -8.64 13.47
C ILE A 121 -18.41 -8.87 12.14
N PHE A 122 -17.09 -8.69 12.16
CA PHE A 122 -16.29 -8.82 10.94
C PHE A 122 -15.30 -9.98 11.08
N PRO A 123 -15.56 -11.10 10.42
CA PRO A 123 -14.61 -12.21 10.48
C PRO A 123 -13.35 -11.87 9.72
N PRO A 124 -12.21 -12.47 10.08
CA PRO A 124 -10.94 -12.01 9.51
C PRO A 124 -10.93 -12.19 8.00
N ALA A 125 -10.28 -11.25 7.31
CA ALA A 125 -10.10 -11.36 5.88
C ALA A 125 -9.26 -12.58 5.53
N ALA A 126 -9.48 -13.11 4.33
CA ALA A 126 -8.90 -14.40 3.96
C ALA A 126 -7.38 -14.44 4.14
N ASP A 127 -6.70 -13.30 4.08
CA ASP A 127 -5.25 -13.30 4.14
C ASP A 127 -4.69 -13.04 5.52
N GLN A 128 -5.53 -12.88 6.54
CA GLN A 128 -4.98 -12.59 7.87
C GLN A 128 -4.32 -13.82 8.46
N VAL A 129 -4.90 -15.00 8.24
CA VAL A 129 -4.51 -16.12 9.09
C VAL A 129 -3.11 -16.60 8.73
N ALA A 130 -2.70 -16.43 7.47
CA ALA A 130 -1.37 -16.85 7.07
C ALA A 130 -0.24 -16.01 7.71
N THR A 131 -0.55 -15.01 8.51
CA THR A 131 0.47 -14.17 9.15
C THR A 131 0.77 -14.59 10.57
N GLY A 132 -0.01 -15.53 11.12
CA GLY A 132 0.19 -15.99 12.46
C GLY A 132 -0.73 -15.39 13.51
N THR A 133 -1.32 -14.22 13.23
CA THR A 133 -2.36 -13.71 14.10
C THR A 133 -3.62 -13.42 13.30
N VAL A 134 -4.74 -13.47 14.00
CA VAL A 134 -6.07 -13.20 13.46
C VAL A 134 -6.71 -12.15 14.36
N THR A 135 -7.31 -11.12 13.75
CA THR A 135 -7.99 -10.08 14.52
C THR A 135 -9.44 -10.03 14.10
N ILE A 136 -10.34 -10.30 15.04
CA ILE A 136 -11.78 -10.21 14.81
C ILE A 136 -12.26 -8.87 15.30
N VAL A 137 -13.02 -8.16 14.46
CA VAL A 137 -13.53 -6.84 14.76
C VAL A 137 -15.06 -6.90 14.88
N CYS A 138 -15.56 -6.33 15.97
CA CYS A 138 -16.99 -6.16 16.25
C CYS A 138 -17.28 -4.67 16.44
N VAL A 139 -18.41 -4.20 15.92
CA VAL A 139 -18.78 -2.79 16.10
C VAL A 139 -20.19 -2.67 16.66
N ALA A 140 -20.33 -1.84 17.70
CA ALA A 140 -21.63 -1.35 18.15
C ALA A 140 -21.79 0.07 17.61
N ASN A 141 -22.69 0.25 16.66
CA ASN A 141 -22.84 1.55 15.98
C ASN A 141 -24.05 2.33 16.49
N LYS A 142 -23.83 3.63 16.67
CA LYS A 142 -24.86 4.64 16.93
C LYS A 142 -25.81 4.25 18.07
N TYR A 143 -25.36 4.47 19.29
CA TYR A 143 -26.08 4.08 20.48
C TYR A 143 -25.84 5.11 21.57
N PHE A 144 -26.83 5.23 22.48
CA PHE A 144 -26.73 5.99 23.73
C PHE A 144 -27.72 5.38 24.72
N PRO A 145 -27.37 5.25 26.00
CA PRO A 145 -26.13 5.50 26.76
C PRO A 145 -25.08 4.37 26.60
N ASP A 146 -24.02 4.36 27.41
CA ASP A 146 -22.92 3.42 27.19
C ASP A 146 -23.39 1.97 27.17
N VAL A 147 -22.56 1.14 26.56
CA VAL A 147 -22.84 -0.28 26.41
C VAL A 147 -21.71 -1.07 27.04
N THR A 148 -21.91 -2.36 27.14
CA THR A 148 -20.90 -3.28 27.65
C THR A 148 -20.71 -4.34 26.60
N VAL A 149 -19.46 -4.66 26.28
CA VAL A 149 -19.19 -5.69 25.29
C VAL A 149 -18.71 -6.93 26.03
N THR A 150 -19.06 -8.06 25.44
CA THR A 150 -18.72 -9.37 25.99
C THR A 150 -18.42 -10.30 24.81
N TRP A 151 -17.43 -11.15 24.99
CA TRP A 151 -17.06 -12.08 23.95
C TRP A 151 -17.17 -13.51 24.43
N GLU A 152 -17.41 -14.38 23.48
CA GLU A 152 -17.64 -15.79 23.70
C GLU A 152 -17.06 -16.50 22.49
N VAL A 153 -16.22 -17.50 22.76
CA VAL A 153 -15.71 -18.40 21.74
C VAL A 153 -16.21 -19.79 22.08
N ASP A 154 -17.01 -20.36 21.17
CA ASP A 154 -17.68 -21.64 21.38
C ASP A 154 -18.28 -21.67 22.78
N GLY A 155 -18.90 -20.55 23.16
CA GLY A 155 -19.67 -20.45 24.36
C GLY A 155 -18.90 -20.09 25.60
N THR A 156 -17.59 -19.89 25.49
CA THR A 156 -16.77 -19.59 26.64
C THR A 156 -16.44 -18.11 26.70
N THR A 157 -16.73 -17.49 27.83
CA THR A 157 -16.35 -16.10 28.06
C THR A 157 -14.88 -15.85 27.78
N GLN A 158 -14.63 -14.91 26.87
CA GLN A 158 -13.31 -14.42 26.53
C GLN A 158 -13.04 -13.07 27.18
N THR A 159 -11.88 -12.91 27.82
CA THR A 159 -11.51 -11.59 28.34
C THR A 159 -10.14 -11.07 27.91
N THR A 160 -9.32 -11.88 27.24
CA THR A 160 -7.95 -11.51 26.93
C THR A 160 -7.82 -11.29 25.42
N GLY A 161 -6.86 -10.44 25.04
CA GLY A 161 -6.68 -10.15 23.63
C GLY A 161 -7.77 -9.28 23.04
N ILE A 162 -8.44 -8.49 23.90
CA ILE A 162 -9.58 -7.67 23.51
C ILE A 162 -9.24 -6.20 23.78
N GLU A 163 -9.35 -5.37 22.76
CA GLU A 163 -9.26 -3.93 22.91
C GLU A 163 -10.52 -3.25 22.42
N ASN A 164 -10.97 -2.26 23.16
CA ASN A 164 -12.14 -1.49 22.76
C ASN A 164 -11.77 -0.03 22.59
N SER A 165 -12.47 0.66 21.69
CA SER A 165 -12.31 2.10 21.58
C SER A 165 -13.62 2.71 21.10
N LYS A 166 -13.99 3.80 21.74
CA LYS A 166 -15.27 4.45 21.58
C LYS A 166 -15.07 5.81 20.91
N THR A 167 -15.87 6.07 19.87
CA THR A 167 -15.89 7.40 19.28
C THR A 167 -16.54 8.36 20.27
N PRO A 168 -16.13 9.63 20.26
CA PRO A 168 -16.74 10.60 21.18
C PRO A 168 -18.18 10.89 20.76
N GLN A 169 -18.92 11.57 21.64
CA GLN A 169 -20.36 11.73 21.38
C GLN A 169 -20.62 12.50 20.08
N ASN A 170 -21.56 11.99 19.31
CA ASN A 170 -21.87 12.61 18.03
C ASN A 170 -22.52 13.97 18.23
N SER A 171 -22.04 14.97 17.47
CA SER A 171 -22.48 16.35 17.67
C SER A 171 -23.96 16.54 17.46
N ALA A 172 -24.58 15.67 16.68
CA ALA A 172 -25.98 15.82 16.32
C ALA A 172 -26.93 15.08 17.26
N ASP A 173 -26.63 13.82 17.62
CA ASP A 173 -27.55 13.03 18.44
C ASP A 173 -26.95 12.44 19.69
N CYS A 174 -25.76 12.88 20.11
CA CYS A 174 -25.12 12.47 21.36
C CYS A 174 -24.65 11.00 21.37
N THR A 175 -24.75 10.26 20.26
CA THR A 175 -24.54 8.82 20.32
C THR A 175 -23.06 8.46 20.28
N TYR A 176 -22.77 7.25 20.76
CA TYR A 176 -21.43 6.68 20.67
C TYR A 176 -21.34 5.62 19.57
N ASN A 177 -20.11 5.34 19.15
CA ASN A 177 -19.77 4.11 18.43
C ASN A 177 -18.62 3.39 19.11
N LEU A 178 -18.64 2.07 19.01
CA LEU A 178 -17.66 1.24 19.69
C LEU A 178 -17.14 0.19 18.72
N SER A 179 -15.81 -0.01 18.73
CA SER A 179 -15.20 -1.17 18.10
C SER A 179 -14.61 -2.02 19.22
N SER A 180 -14.86 -3.32 19.14
CA SER A 180 -14.27 -4.24 20.09
C SER A 180 -13.55 -5.25 19.24
N THR A 181 -12.26 -5.42 19.51
CA THR A 181 -11.36 -6.18 18.67
C THR A 181 -10.80 -7.33 19.49
N LEU A 182 -10.85 -8.54 18.94
CA LEU A 182 -10.31 -9.73 19.59
C LEU A 182 -9.16 -10.28 18.75
N THR A 183 -7.99 -10.46 19.36
CA THR A 183 -6.82 -10.99 18.65
C THR A 183 -6.34 -12.32 19.25
N LEU A 184 -6.12 -13.31 18.39
CA LEU A 184 -5.55 -14.61 18.77
C LEU A 184 -4.51 -15.03 17.74
N THR A 185 -3.68 -15.99 18.14
CA THR A 185 -2.79 -16.63 17.19
C THR A 185 -3.62 -17.41 16.18
N SER A 186 -3.05 -17.60 14.98
CA SER A 186 -3.76 -18.36 13.97
C SER A 186 -4.11 -19.75 14.46
N THR A 187 -3.33 -20.29 15.39
CA THR A 187 -3.59 -21.67 15.79
C THR A 187 -4.73 -21.73 16.80
N GLN A 188 -4.71 -20.80 17.76
CA GLN A 188 -5.88 -20.57 18.60
C GLN A 188 -7.13 -20.37 17.76
N TYR A 189 -7.02 -19.59 16.69
CA TYR A 189 -8.23 -19.22 15.94
C TYR A 189 -8.80 -20.42 15.20
N ASN A 190 -7.93 -21.23 14.61
CA ASN A 190 -8.39 -22.40 13.88
C ASN A 190 -8.87 -23.51 14.81
N SER A 191 -8.61 -23.39 16.11
CA SER A 191 -9.07 -24.41 17.03
C SER A 191 -10.46 -24.12 17.60
N HIS A 192 -11.20 -23.18 17.03
CA HIS A 192 -12.54 -22.86 17.51
C HIS A 192 -13.45 -22.62 16.32
N LYS A 193 -14.75 -22.60 16.58
CA LYS A 193 -15.74 -22.52 15.52
C LYS A 193 -16.54 -21.24 15.59
N GLU A 194 -17.22 -21.00 16.70
CA GLU A 194 -18.21 -19.94 16.79
C GLU A 194 -17.62 -18.78 17.57
N TYR A 195 -17.58 -17.61 16.94
CA TYR A 195 -17.10 -16.38 17.55
C TYR A 195 -18.26 -15.42 17.78
N THR A 196 -18.37 -14.89 18.99
CA THR A 196 -19.57 -14.18 19.38
C THR A 196 -19.26 -12.84 20.02
N CYS A 197 -19.90 -11.79 19.50
CA CYS A 197 -19.83 -10.47 20.10
C CYS A 197 -21.19 -10.16 20.73
N LYS A 198 -21.19 -9.78 22.00
CA LYS A 198 -22.40 -9.51 22.76
C LYS A 198 -22.30 -8.10 23.34
N VAL A 199 -23.20 -7.23 22.91
CA VAL A 199 -23.25 -5.83 23.32
C VAL A 199 -24.46 -5.64 24.22
N THR A 200 -24.25 -5.14 25.42
CA THR A 200 -25.31 -5.04 26.41
C THR A 200 -25.54 -3.58 26.77
N GLN A 201 -26.82 -3.19 26.74
CA GLN A 201 -27.27 -1.84 27.09
C GLN A 201 -28.37 -1.99 28.13
N GLY A 202 -28.02 -1.89 29.39
CA GLY A 202 -29.00 -2.07 30.45
C GLY A 202 -29.55 -3.48 30.41
N THR A 203 -30.86 -3.58 30.16
CA THR A 203 -31.60 -4.82 30.05
C THR A 203 -31.76 -5.31 28.61
N THR A 204 -31.07 -4.70 27.64
CA THR A 204 -31.12 -5.19 26.27
C THR A 204 -29.74 -5.68 25.81
N SER A 205 -29.74 -6.73 24.98
CA SER A 205 -28.50 -7.24 24.42
C SER A 205 -28.71 -7.53 22.97
N VAL A 206 -27.67 -7.24 22.18
CA VAL A 206 -27.59 -7.66 20.78
C VAL A 206 -26.34 -8.53 20.61
N VAL A 207 -26.51 -9.67 19.93
CA VAL A 207 -25.52 -10.71 19.83
C VAL A 207 -25.34 -11.05 18.37
N GLN A 208 -24.09 -10.93 17.89
CA GLN A 208 -23.74 -11.30 16.52
C GLN A 208 -22.66 -12.37 16.52
N SER A 209 -22.81 -13.36 15.64
CA SER A 209 -21.87 -14.46 15.59
C SER A 209 -21.52 -14.79 14.15
N PHE A 210 -20.40 -15.48 14.00
CA PHE A 210 -20.12 -16.23 12.79
C PHE A 210 -19.44 -17.53 13.18
N ASN A 211 -19.58 -18.51 12.30
CA ASN A 211 -18.83 -19.75 12.45
C ASN A 211 -17.69 -19.75 11.45
N ARG A 212 -16.49 -20.05 11.96
CA ARG A 212 -15.28 -19.92 11.16
C ARG A 212 -15.40 -20.67 9.84
N GLY A 213 -15.90 -21.90 9.88
CA GLY A 213 -15.96 -22.68 8.66
C GLY A 213 -16.77 -22.03 7.56
N ASP A 214 -17.82 -21.28 7.93
CA ASP A 214 -18.74 -20.73 6.95
C ASP A 214 -18.29 -19.39 6.38
N CYS A 215 -17.30 -18.75 6.99
CA CYS A 215 -16.76 -17.50 6.47
C CYS A 215 -15.31 -17.71 6.04
N GLN B 1 -8.08 32.75 4.48
CA GLN B 1 -8.19 32.96 5.93
C GLN B 1 -6.92 32.50 6.68
N GLU B 2 -6.67 33.11 7.84
CA GLU B 2 -5.45 32.78 8.57
C GLU B 2 -5.47 31.31 9.03
N GLN B 3 -4.30 30.69 9.01
CA GLN B 3 -4.18 29.28 9.36
C GLN B 3 -2.77 28.93 9.82
N LEU B 4 -2.68 28.07 10.84
CA LEU B 4 -1.42 27.57 11.37
C LEU B 4 -1.28 26.09 11.05
N VAL B 5 -0.05 25.64 10.82
CA VAL B 5 0.27 24.24 10.51
C VAL B 5 1.62 23.89 11.12
N GLU B 6 1.61 22.98 12.08
CA GLU B 6 2.81 22.53 12.76
C GLU B 6 3.46 21.42 11.95
N SER B 7 4.71 21.11 12.29
CA SER B 7 5.45 20.24 11.39
C SER B 7 6.71 19.74 12.09
N GLY B 8 7.08 18.48 11.81
CA GLY B 8 8.31 17.89 12.29
C GLY B 8 8.16 16.79 13.33
N GLY B 9 6.96 16.54 13.86
CA GLY B 9 6.80 15.50 14.87
C GLY B 9 7.03 14.11 14.32
N GLY B 10 7.40 13.21 15.23
CA GLY B 10 7.58 11.81 14.85
C GLY B 10 8.26 11.05 15.97
N LEU B 11 8.91 9.94 15.58
CA LEU B 11 9.70 9.18 16.54
C LEU B 11 10.94 9.95 16.96
N VAL B 12 11.35 9.72 18.20
CA VAL B 12 12.59 10.25 18.72
C VAL B 12 13.04 9.35 19.87
N LYS B 13 14.32 8.97 19.86
CA LYS B 13 14.85 8.17 20.95
C LYS B 13 15.01 9.05 22.18
N PRO B 14 14.91 8.47 23.37
CA PRO B 14 15.00 9.27 24.60
C PRO B 14 16.34 9.97 24.71
N GLY B 15 16.31 11.30 24.82
CA GLY B 15 17.49 12.12 24.85
C GLY B 15 17.86 12.75 23.52
N GLY B 16 17.42 12.16 22.42
CA GLY B 16 17.55 12.79 21.13
C GLY B 16 16.82 14.11 21.12
N THR B 17 17.09 14.88 20.07
CA THR B 17 16.64 16.26 20.01
C THR B 17 15.79 16.45 18.77
N LEU B 18 14.74 17.25 18.92
CA LEU B 18 13.78 17.46 17.85
C LEU B 18 13.54 18.94 17.66
N THR B 19 13.24 19.31 16.43
CA THR B 19 12.88 20.68 16.07
C THR B 19 11.57 20.64 15.30
N LEU B 20 10.57 21.35 15.82
CA LEU B 20 9.28 21.43 15.16
C LEU B 20 9.12 22.80 14.51
N THR B 21 8.33 22.84 13.44
CA THR B 21 8.11 24.07 12.70
C THR B 21 6.62 24.38 12.65
N CYS B 22 6.31 25.65 12.85
CA CYS B 22 4.97 26.18 12.71
C CYS B 22 4.98 27.16 11.55
N THR B 23 3.91 27.18 10.75
CA THR B 23 3.89 28.00 9.55
C THR B 23 2.55 28.70 9.43
N ALA B 24 2.57 30.03 9.46
CA ALA B 24 1.36 30.83 9.40
C ALA B 24 1.04 31.19 7.95
N SER B 25 -0.25 31.24 7.64
CA SER B 25 -0.74 31.64 6.33
C SER B 25 -1.93 32.58 6.54
N GLY B 26 -2.00 33.62 5.71
CA GLY B 26 -3.10 34.56 5.78
C GLY B 26 -2.91 35.75 6.69
N PHE B 27 -1.83 35.78 7.46
CA PHE B 27 -1.44 36.95 8.23
C PHE B 27 0.07 36.92 8.35
N SER B 28 0.64 37.98 8.94
CA SER B 28 2.09 38.11 9.01
C SER B 28 2.52 38.47 10.43
N PHE B 29 3.78 38.16 10.73
CA PHE B 29 4.37 38.39 12.05
C PHE B 29 4.59 39.89 12.27
N SER B 30 3.51 40.59 12.61
CA SER B 30 3.60 41.99 13.03
C SER B 30 3.83 42.03 14.52
N SER B 31 3.34 43.07 15.19
CA SER B 31 3.38 43.16 16.64
C SER B 31 1.96 43.29 17.17
N GLY B 32 1.80 43.07 18.46
CA GLY B 32 0.49 43.06 19.07
C GLY B 32 -0.03 41.68 19.35
N PHE B 33 0.74 40.64 19.01
CA PHE B 33 0.37 39.27 19.32
C PHE B 33 1.63 38.46 19.60
N PHE B 34 1.42 37.25 20.09
CA PHE B 34 2.50 36.30 20.36
C PHE B 34 2.23 35.01 19.61
N MET B 35 3.31 34.30 19.29
CA MET B 35 3.23 32.95 18.79
C MET B 35 3.65 32.00 19.91
N CYS B 36 2.80 31.03 20.22
CA CYS B 36 2.98 30.22 21.42
C CYS B 36 2.92 28.74 21.07
N TRP B 37 3.48 27.94 21.97
CA TRP B 37 3.48 26.48 21.89
C TRP B 37 2.79 25.90 23.12
N VAL B 38 1.93 24.91 22.90
CA VAL B 38 1.21 24.22 23.96
C VAL B 38 1.27 22.72 23.68
N ARG B 39 1.52 21.92 24.72
CA ARG B 39 1.52 20.48 24.52
C ARG B 39 0.43 19.83 25.35
N GLN B 40 0.10 18.60 24.95
CA GLN B 40 -1.02 17.84 25.51
C GLN B 40 -0.65 16.37 25.36
N ALA B 41 -0.31 15.71 26.46
CA ALA B 41 -0.09 14.28 26.44
C ALA B 41 -1.42 13.56 26.22
N PRO B 42 -1.39 12.36 25.67
CA PRO B 42 -2.65 11.69 25.29
C PRO B 42 -3.54 11.49 26.52
N GLY B 43 -4.77 11.98 26.42
CA GLY B 43 -5.71 11.95 27.53
C GLY B 43 -5.46 12.98 28.60
N LYS B 44 -4.27 13.59 28.66
CA LYS B 44 -3.96 14.58 29.69
C LYS B 44 -4.43 15.96 29.24
N GLY B 45 -4.06 17.00 29.97
CA GLY B 45 -4.61 18.32 29.76
C GLY B 45 -3.69 19.24 28.99
N LEU B 46 -4.17 20.47 28.77
CA LEU B 46 -3.39 21.49 28.08
C LEU B 46 -2.32 22.06 29.00
N GLU B 47 -1.08 22.08 28.51
CA GLU B 47 0.08 22.51 29.29
C GLU B 47 0.91 23.47 28.46
N TRP B 48 0.91 24.75 28.86
CA TRP B 48 1.63 25.78 28.14
C TRP B 48 3.14 25.59 28.23
N ILE B 49 3.84 25.99 27.17
CA ILE B 49 5.29 25.86 27.10
C ILE B 49 5.94 27.24 27.01
N GLY B 50 5.59 28.02 25.99
CA GLY B 50 6.21 29.31 25.82
C GLY B 50 5.66 30.05 24.62
N CYS B 51 5.88 31.35 24.63
CA CYS B 51 5.50 32.26 23.55
C CYS B 51 6.74 32.98 23.03
N ILE B 52 6.52 33.83 22.02
CA ILE B 52 7.58 34.65 21.44
C ILE B 52 6.89 35.82 20.76
N TYR B 53 7.47 37.01 20.91
CA TYR B 53 6.77 38.22 20.49
C TYR B 53 6.77 38.34 18.98
N GLY B 54 5.73 39.00 18.48
CA GLY B 54 5.66 39.33 17.06
C GLY B 54 6.54 40.49 16.63
N GLY B 55 6.52 41.61 17.37
CA GLY B 55 7.41 42.71 17.03
C GLY B 55 8.87 42.27 17.01
N SER B 56 9.72 43.10 16.40
CA SER B 56 11.09 42.64 16.14
C SER B 56 11.88 42.36 17.42
N ASN B 57 11.47 42.92 18.55
CA ASN B 57 12.01 42.51 19.85
C ASN B 57 11.56 41.09 20.15
N ASP B 58 12.15 40.10 19.48
CA ASP B 58 11.65 38.73 19.53
C ASP B 58 11.65 38.16 20.95
N ASN B 59 10.89 38.77 21.85
CA ASN B 59 10.97 38.42 23.26
C ASN B 59 10.42 37.02 23.48
N THR B 60 11.28 36.13 23.99
CA THR B 60 10.90 34.75 24.25
C THR B 60 10.64 34.58 25.74
N TYR B 61 9.51 33.95 26.08
CA TYR B 61 9.06 33.79 27.46
C TYR B 61 8.63 32.34 27.66
N TYR B 62 9.22 31.67 28.64
CA TYR B 62 9.03 30.24 28.83
C TYR B 62 8.35 29.96 30.17
N ALA B 63 7.75 28.78 30.27
CA ALA B 63 7.22 28.31 31.54
C ALA B 63 8.37 27.85 32.44
N ASN B 64 8.09 27.83 33.75
CA ASN B 64 9.11 27.47 34.74
C ASN B 64 9.82 26.17 34.37
N TRP B 65 9.05 25.10 34.21
CA TRP B 65 9.61 23.78 33.96
C TRP B 65 10.28 23.66 32.60
N ALA B 66 10.01 24.59 31.68
CA ALA B 66 10.34 24.39 30.27
C ALA B 66 11.74 24.89 29.87
N LYS B 67 12.16 26.07 30.34
CA LYS B 67 13.39 26.67 29.84
C LYS B 67 14.57 25.75 30.12
N GLY B 68 15.56 25.80 29.23
CA GLY B 68 16.68 24.91 29.27
C GLY B 68 16.50 23.64 28.47
N ARG B 69 15.26 23.24 28.19
CA ARG B 69 15.00 22.11 27.32
C ARG B 69 14.33 22.52 26.02
N PHE B 70 13.63 23.64 26.02
CA PHE B 70 12.84 24.11 24.89
C PHE B 70 13.30 25.51 24.50
N THR B 71 13.18 25.83 23.22
CA THR B 71 13.55 27.16 22.77
C THR B 71 12.78 27.53 21.51
N ILE B 72 12.26 28.76 21.49
CA ILE B 72 11.37 29.25 20.44
C ILE B 72 12.03 30.40 19.71
N SER B 73 11.99 30.36 18.38
CA SER B 73 12.68 31.34 17.55
C SER B 73 11.92 31.60 16.26
N LYS B 74 12.01 32.85 15.77
CA LYS B 74 11.41 33.29 14.51
C LYS B 74 12.31 32.93 13.33
N THR B 75 12.15 31.74 12.77
CA THR B 75 13.03 31.29 11.70
C THR B 75 12.82 32.06 10.39
N SER B 76 11.68 32.72 10.21
CA SER B 76 11.42 33.53 9.02
C SER B 76 10.21 34.41 9.33
N SER B 77 9.81 35.22 8.35
CA SER B 77 8.66 36.11 8.52
C SER B 77 7.37 35.34 8.72
N THR B 78 7.39 34.05 8.44
CA THR B 78 6.17 33.26 8.38
C THR B 78 6.31 31.93 9.10
N THR B 79 7.48 31.59 9.64
CA THR B 79 7.71 30.32 10.30
C THR B 79 8.34 30.57 11.66
N VAL B 80 7.83 29.85 12.66
CA VAL B 80 8.35 29.86 14.03
C VAL B 80 8.75 28.44 14.41
N THR B 81 9.82 28.33 15.16
CA THR B 81 10.39 27.04 15.52
C THR B 81 10.26 26.82 17.02
N LEU B 82 10.13 25.56 17.42
CA LEU B 82 10.38 25.15 18.80
C LEU B 82 11.29 23.94 18.78
N GLN B 83 12.41 24.01 19.51
CA GLN B 83 13.37 22.91 19.57
C GLN B 83 13.41 22.34 20.97
N MET B 84 13.37 21.02 21.06
CA MET B 84 13.24 20.31 22.32
C MET B 84 14.19 19.13 22.36
N THR B 85 14.58 18.76 23.57
CA THR B 85 15.32 17.53 23.84
C THR B 85 14.48 16.64 24.73
N SER B 86 14.21 15.43 24.27
CA SER B 86 13.41 14.48 25.03
C SER B 86 14.17 13.96 26.23
N ARG B 87 13.41 13.44 27.19
CA ARG B 87 13.99 12.71 28.31
C ARG B 87 13.12 11.50 28.61
N THR B 88 11.93 11.79 29.08
CA THR B 88 10.98 10.80 29.57
C THR B 88 9.89 10.57 28.54
N ALA B 89 9.14 9.49 28.76
CA ALA B 89 7.96 9.21 27.96
C ALA B 89 6.90 10.30 28.08
N ALA B 90 6.93 11.08 29.16
CA ALA B 90 6.01 12.19 29.30
C ALA B 90 6.27 13.31 28.30
N ASP B 91 7.39 13.27 27.57
CA ASP B 91 7.58 14.23 26.49
C ASP B 91 6.79 13.86 25.25
N THR B 92 6.40 12.58 25.12
CA THR B 92 5.45 12.17 24.08
C THR B 92 4.13 12.90 24.27
N ALA B 93 3.75 13.72 23.28
CA ALA B 93 2.50 14.47 23.34
C ALA B 93 2.22 15.07 21.97
N THR B 94 1.06 15.73 21.85
CA THR B 94 0.75 16.58 20.71
C THR B 94 1.20 18.00 21.00
N TYR B 95 1.92 18.59 20.06
CA TYR B 95 2.49 19.93 20.21
C TYR B 95 1.70 20.90 19.36
N PHE B 96 1.12 21.91 20.01
CA PHE B 96 0.22 22.85 19.35
C PHE B 96 0.90 24.21 19.20
N CYS B 97 0.82 24.75 17.99
CA CYS B 97 1.16 26.14 17.72
C CYS B 97 -0.11 26.96 17.86
N ALA B 98 -0.04 28.04 18.63
CA ALA B 98 -1.19 28.91 18.86
C ALA B 98 -0.78 30.38 18.72
N ARG B 99 -1.78 31.25 18.69
CA ARG B 99 -1.57 32.69 18.60
C ARG B 99 -2.36 33.38 19.71
N ASP B 100 -1.65 34.05 20.61
CA ASP B 100 -2.31 34.89 21.59
C ASP B 100 -2.53 36.26 20.95
N ALA B 101 -3.78 36.52 20.53
CA ALA B 101 -4.12 37.80 19.90
C ALA B 101 -4.11 38.96 20.88
N GLY B 102 -4.16 38.70 22.18
CA GLY B 102 -4.15 39.76 23.16
C GLY B 102 -5.30 40.73 23.02
N THR B 103 -6.45 40.24 22.58
CA THR B 103 -7.55 41.12 22.22
C THR B 103 -8.01 41.93 23.44
N SER B 104 -8.03 43.26 23.25
CA SER B 104 -8.42 44.22 24.28
C SER B 104 -7.61 44.07 25.56
N GLY B 105 -6.37 43.60 25.45
CA GLY B 105 -5.59 43.47 26.65
C GLY B 105 -6.00 42.32 27.55
N TYR B 106 -6.71 41.34 27.00
CA TYR B 106 -6.95 40.07 27.66
C TYR B 106 -6.25 38.97 26.88
N ILE B 107 -6.05 37.83 27.54
CA ILE B 107 -5.44 36.69 26.87
C ILE B 107 -6.47 36.04 25.96
N ALA B 108 -6.06 35.69 24.73
CA ALA B 108 -7.00 35.22 23.70
C ALA B 108 -6.23 34.41 22.68
N TYR B 109 -6.23 33.09 22.85
CA TYR B 109 -5.61 32.22 21.86
C TYR B 109 -6.64 31.93 20.78
N ASN B 110 -6.78 32.87 19.84
CA ASN B 110 -7.85 32.82 18.87
C ASN B 110 -7.48 32.05 17.62
N LEU B 111 -6.30 31.43 17.57
CA LEU B 111 -5.93 30.65 16.39
C LEU B 111 -5.04 29.50 16.82
N TRP B 112 -5.35 28.30 16.33
CA TRP B 112 -4.66 27.07 16.67
C TRP B 112 -4.47 26.22 15.43
N GLY B 113 -3.32 25.58 15.32
CA GLY B 113 -3.11 24.57 14.31
C GLY B 113 -3.64 23.23 14.76
N PRO B 114 -3.55 22.25 13.86
CA PRO B 114 -3.96 20.88 14.22
C PRO B 114 -3.02 20.17 15.17
N GLY B 115 -1.77 20.61 15.31
CA GLY B 115 -0.82 20.01 16.21
C GLY B 115 -0.03 18.90 15.57
N THR B 116 1.15 18.64 16.10
CA THR B 116 1.99 17.58 15.56
C THR B 116 2.50 16.68 16.69
N LEU B 117 2.54 15.38 16.44
CA LEU B 117 2.72 14.37 17.50
C LEU B 117 4.17 13.94 17.57
N VAL B 118 4.76 14.10 18.75
CA VAL B 118 6.12 13.65 19.01
C VAL B 118 6.04 12.40 19.87
N THR B 119 6.72 11.36 19.43
CA THR B 119 6.72 10.07 20.11
C THR B 119 8.13 9.79 20.61
N VAL B 120 8.32 9.83 21.91
CA VAL B 120 9.59 9.43 22.52
C VAL B 120 9.57 7.91 22.66
N SER B 121 10.47 7.23 21.94
CA SER B 121 10.47 5.78 21.99
C SER B 121 11.76 5.23 21.41
N SER B 122 12.18 4.08 21.94
CA SER B 122 13.31 3.30 21.44
C SER B 122 12.93 2.34 20.31
N GLY B 123 11.64 2.27 19.95
CA GLY B 123 11.20 1.21 19.07
C GLY B 123 11.41 1.55 17.61
N GLN B 124 11.45 0.51 16.80
CA GLN B 124 11.58 0.74 15.37
C GLN B 124 10.24 1.16 14.78
N PRO B 125 10.24 2.08 13.82
CA PRO B 125 9.01 2.36 13.06
C PRO B 125 8.49 1.12 12.33
N LYS B 126 7.20 1.15 12.03
CA LYS B 126 6.62 0.01 11.30
C LYS B 126 5.38 0.49 10.56
N ALA B 127 5.25 0.07 9.40
CA ALA B 127 4.14 0.49 8.59
C ALA B 127 2.96 -0.45 8.79
N PRO B 128 1.74 0.05 8.68
CA PRO B 128 0.58 -0.79 8.99
C PRO B 128 0.27 -1.81 7.91
N SER B 129 -0.24 -2.97 8.33
CA SER B 129 -0.97 -3.84 7.41
C SER B 129 -2.45 -3.44 7.37
N VAL B 130 -3.05 -3.61 6.20
CA VAL B 130 -4.42 -3.15 5.97
C VAL B 130 -5.25 -4.32 5.50
N PHE B 131 -6.26 -4.68 6.27
CA PHE B 131 -7.08 -5.81 5.86
C PHE B 131 -8.52 -5.37 5.64
N PRO B 132 -9.20 -5.95 4.68
CA PRO B 132 -10.59 -5.56 4.45
C PRO B 132 -11.50 -6.06 5.56
N LEU B 133 -12.50 -5.24 5.88
CA LEU B 133 -13.57 -5.62 6.78
C LEU B 133 -14.83 -5.79 5.95
N ALA B 134 -15.32 -7.02 5.85
CA ALA B 134 -16.55 -7.35 5.14
C ALA B 134 -17.33 -8.37 5.94
N PRO B 135 -18.66 -8.33 5.87
CA PRO B 135 -19.45 -9.35 6.55
C PRO B 135 -19.15 -10.74 6.00
N CYS B 136 -19.42 -11.73 6.86
CA CYS B 136 -19.27 -13.15 6.54
C CYS B 136 -19.86 -13.52 5.19
N CYS B 137 -19.05 -14.21 4.37
CA CYS B 137 -19.47 -14.58 3.03
C CYS B 137 -20.69 -15.49 3.06
N GLY B 138 -20.89 -16.24 4.15
CA GLY B 138 -22.00 -17.13 4.37
C GLY B 138 -23.28 -16.45 4.80
N ASP B 139 -23.27 -15.14 4.98
CA ASP B 139 -24.52 -14.39 5.17
C ASP B 139 -25.20 -14.13 3.85
N THR B 140 -26.45 -13.77 3.95
CA THR B 140 -27.31 -13.41 2.84
C THR B 140 -27.20 -11.92 2.55
N PRO B 141 -27.03 -11.52 1.29
CA PRO B 141 -26.88 -10.09 1.00
C PRO B 141 -28.16 -9.32 1.31
N SER B 142 -27.95 -8.12 1.89
CA SER B 142 -28.98 -7.12 2.14
C SER B 142 -28.80 -5.95 1.18
N SER B 143 -29.85 -5.14 1.05
CA SER B 143 -29.78 -3.95 0.19
C SER B 143 -28.77 -2.93 0.67
N THR B 144 -28.25 -3.11 1.89
CA THR B 144 -27.42 -2.16 2.61
C THR B 144 -26.31 -2.92 3.33
N VAL B 145 -25.10 -2.37 3.32
CA VAL B 145 -23.94 -3.11 3.82
C VAL B 145 -22.93 -2.13 4.40
N THR B 146 -22.25 -2.56 5.46
CA THR B 146 -21.17 -1.81 6.10
C THR B 146 -19.84 -2.50 5.82
N LEU B 147 -18.91 -1.79 5.22
CA LEU B 147 -17.59 -2.33 4.90
C LEU B 147 -16.55 -1.54 5.66
N GLY B 148 -15.30 -1.95 5.58
CA GLY B 148 -14.27 -1.22 6.30
C GLY B 148 -12.87 -1.74 6.05
N CYS B 149 -11.94 -1.17 6.81
CA CYS B 149 -10.52 -1.50 6.74
C CYS B 149 -10.00 -1.56 8.16
N LEU B 150 -9.25 -2.60 8.45
CA LEU B 150 -8.54 -2.73 9.71
C LEU B 150 -7.10 -2.31 9.44
N VAL B 151 -6.63 -1.33 10.21
CA VAL B 151 -5.31 -0.76 9.99
C VAL B 151 -4.47 -1.14 11.20
N LYS B 152 -3.74 -2.23 11.07
CA LYS B 152 -3.19 -2.96 12.20
C LYS B 152 -1.67 -2.91 12.19
N GLY B 153 -1.12 -2.70 13.38
CA GLY B 153 0.28 -2.93 13.68
C GLY B 153 1.26 -1.91 13.15
N TYR B 154 1.12 -0.66 13.56
CA TYR B 154 1.96 0.42 13.08
C TYR B 154 2.52 1.20 14.24
N LEU B 155 3.54 1.99 13.94
CA LEU B 155 4.31 2.84 14.82
C LEU B 155 5.17 3.76 13.97
N PRO B 156 5.21 5.07 14.26
CA PRO B 156 4.39 5.75 15.27
C PRO B 156 3.03 6.21 14.76
N GLU B 157 2.24 6.80 15.64
CA GLU B 157 1.07 7.54 15.21
C GLU B 157 1.50 8.83 14.55
N PRO B 158 0.65 9.43 13.69
CA PRO B 158 -0.67 8.91 13.37
C PRO B 158 -0.74 8.17 12.06
N VAL B 159 -1.94 7.70 11.82
CA VAL B 159 -2.38 7.19 10.54
C VAL B 159 -3.64 7.98 10.19
N THR B 160 -3.88 8.22 8.92
CA THR B 160 -5.14 8.82 8.49
C THR B 160 -5.82 7.90 7.50
N VAL B 161 -7.14 7.93 7.49
CA VAL B 161 -7.94 7.09 6.60
C VAL B 161 -8.98 7.95 5.89
N THR B 162 -9.11 7.74 4.60
CA THR B 162 -10.23 8.33 3.88
C THR B 162 -10.86 7.24 3.04
N TRP B 163 -12.04 7.54 2.50
CA TRP B 163 -12.75 6.64 1.62
C TRP B 163 -13.00 7.28 0.25
N ASN B 164 -12.73 6.52 -0.82
CA ASN B 164 -12.83 7.01 -2.19
C ASN B 164 -12.12 8.35 -2.32
N SER B 165 -10.89 8.39 -1.85
CA SER B 165 -10.06 9.60 -1.90
C SER B 165 -10.80 10.81 -1.34
N GLY B 166 -11.49 10.64 -0.22
CA GLY B 166 -12.19 11.75 0.38
C GLY B 166 -13.53 12.09 -0.25
N THR B 167 -13.88 11.43 -1.35
CA THR B 167 -15.17 11.61 -2.00
C THR B 167 -16.29 11.05 -1.15
N LEU B 168 -16.00 10.03 -0.35
CA LEU B 168 -17.01 9.33 0.43
C LEU B 168 -16.82 9.66 1.90
N THR B 169 -17.71 10.48 2.45
CA THR B 169 -17.65 10.80 3.87
C THR B 169 -18.91 10.45 4.68
N ASN B 170 -20.07 10.28 4.04
CA ASN B 170 -21.30 9.96 4.79
C ASN B 170 -21.27 8.54 5.33
N GLY B 171 -21.51 8.42 6.62
CA GLY B 171 -21.58 7.10 7.18
C GLY B 171 -20.23 6.48 7.38
N VAL B 172 -19.21 7.30 7.61
CA VAL B 172 -17.88 6.85 7.91
C VAL B 172 -17.67 6.96 9.41
N ARG B 173 -17.17 5.89 10.01
CA ARG B 173 -16.80 5.88 11.42
C ARG B 173 -15.37 5.35 11.53
N THR B 174 -14.45 6.22 11.94
CA THR B 174 -13.05 5.89 12.15
C THR B 174 -12.76 5.97 13.64
N PHE B 175 -12.31 4.84 14.22
CA PHE B 175 -12.19 4.78 15.66
C PHE B 175 -10.83 5.27 16.12
N PRO B 176 -10.76 5.80 17.34
CA PRO B 176 -9.45 6.17 17.89
C PRO B 176 -8.56 4.95 17.95
N SER B 177 -7.26 5.18 17.88
CA SER B 177 -6.30 4.09 17.88
C SER B 177 -6.20 3.46 19.27
N VAL B 178 -5.63 2.25 19.31
CA VAL B 178 -5.27 1.58 20.55
C VAL B 178 -3.83 1.08 20.48
N ARG B 179 -3.08 1.18 21.59
CA ARG B 179 -1.75 0.60 21.70
C ARG B 179 -1.86 -0.86 22.09
N GLN B 180 -1.16 -1.71 21.35
CA GLN B 180 -1.11 -3.13 21.69
C GLN B 180 0.02 -3.38 22.69
N SER B 181 0.10 -4.64 23.16
CA SER B 181 1.19 -4.99 24.05
C SER B 181 2.52 -4.83 23.35
N SER B 182 2.56 -5.12 22.05
CA SER B 182 3.78 -4.95 21.26
C SER B 182 4.26 -3.51 21.17
N GLY B 183 3.39 -2.54 21.45
CA GLY B 183 3.71 -1.14 21.29
C GLY B 183 3.25 -0.57 19.98
N LEU B 184 2.66 -1.39 19.11
CA LEU B 184 2.12 -0.98 17.82
C LEU B 184 0.64 -0.62 17.95
N TYR B 185 0.20 0.36 17.18
CA TYR B 185 -1.18 0.81 17.28
C TYR B 185 -2.06 0.12 16.26
N SER B 186 -3.36 0.16 16.52
CA SER B 186 -4.37 -0.31 15.58
C SER B 186 -5.60 0.59 15.62
N LEU B 187 -6.30 0.61 14.49
CA LEU B 187 -7.62 1.22 14.42
C LEU B 187 -8.38 0.64 13.23
N SER B 188 -9.70 0.83 13.26
CA SER B 188 -10.59 0.42 12.19
C SER B 188 -11.36 1.62 11.66
N SER B 189 -11.69 1.58 10.38
CA SER B 189 -12.61 2.55 9.81
C SER B 189 -13.69 1.78 9.08
N VAL B 190 -14.95 2.17 9.29
CA VAL B 190 -16.06 1.51 8.63
C VAL B 190 -16.93 2.53 7.92
N VAL B 191 -17.57 2.09 6.82
CA VAL B 191 -18.48 2.93 6.06
C VAL B 191 -19.70 2.10 5.68
N SER B 192 -20.87 2.73 5.78
CA SER B 192 -22.14 2.07 5.50
C SER B 192 -22.68 2.62 4.21
N VAL B 193 -23.17 1.72 3.37
CA VAL B 193 -23.29 1.98 1.95
C VAL B 193 -24.45 1.15 1.40
N THR B 194 -25.00 1.61 0.29
CA THR B 194 -26.01 0.83 -0.40
C THR B 194 -25.34 -0.30 -1.14
N SER B 195 -25.92 -1.50 -1.05
CA SER B 195 -25.32 -2.65 -1.71
C SER B 195 -25.10 -2.43 -3.19
N SER B 196 -25.69 -1.39 -3.76
CA SER B 196 -25.48 -1.06 -5.15
C SER B 196 -24.41 0.01 -5.36
N SER B 197 -23.82 0.53 -4.28
CA SER B 197 -22.97 1.71 -4.37
C SER B 197 -21.54 1.39 -4.81
N GLN B 198 -21.38 0.55 -5.86
CA GLN B 198 -20.09 0.47 -6.57
C GLN B 198 -18.98 -0.01 -5.63
N PRO B 199 -17.72 -0.06 -6.05
CA PRO B 199 -16.66 -0.36 -5.09
C PRO B 199 -16.35 0.81 -4.15
N VAL B 200 -15.90 0.47 -2.95
CA VAL B 200 -15.47 1.46 -1.97
C VAL B 200 -14.02 1.15 -1.63
N THR B 201 -13.22 2.19 -1.54
CA THR B 201 -11.77 2.07 -1.39
C THR B 201 -11.35 2.88 -0.18
N CYS B 202 -10.75 2.23 0.81
CA CYS B 202 -10.13 3.01 1.87
C CYS B 202 -8.70 3.40 1.45
N ASN B 203 -8.31 4.61 1.83
CA ASN B 203 -6.99 5.17 1.59
C ASN B 203 -6.34 5.37 2.95
N VAL B 204 -5.33 4.55 3.24
CA VAL B 204 -4.61 4.58 4.50
C VAL B 204 -3.27 5.25 4.25
N ALA B 205 -2.93 6.25 5.06
CA ALA B 205 -1.65 6.93 4.89
C ALA B 205 -0.93 6.96 6.23
N HIS B 206 0.36 6.64 6.19
CA HIS B 206 1.21 6.62 7.38
C HIS B 206 2.48 7.41 7.07
N PRO B 207 2.45 8.71 7.23
CA PRO B 207 3.59 9.55 6.80
C PRO B 207 4.92 9.10 7.36
N ALA B 208 4.96 8.64 8.61
CA ALA B 208 6.24 8.30 9.24
C ALA B 208 7.03 7.26 8.44
N THR B 209 6.35 6.45 7.63
CA THR B 209 7.01 5.52 6.74
C THR B 209 6.78 5.87 5.28
N ASN B 210 6.24 7.05 5.00
CA ASN B 210 5.98 7.46 3.63
C ASN B 210 5.13 6.42 2.87
N THR B 211 4.10 5.95 3.55
CA THR B 211 3.27 4.88 3.03
C THR B 211 1.86 5.40 2.74
N LYS B 212 1.30 4.95 1.63
CA LYS B 212 -0.13 5.05 1.38
C LYS B 212 -0.58 3.69 0.88
N VAL B 213 -1.64 3.15 1.48
CA VAL B 213 -2.24 1.90 1.04
C VAL B 213 -3.69 2.12 0.64
N ASP B 214 -4.04 1.66 -0.56
CA ASP B 214 -5.42 1.66 -1.03
C ASP B 214 -5.95 0.24 -1.06
N LYS B 215 -7.06 0.00 -0.37
CA LYS B 215 -7.68 -1.32 -0.32
C LYS B 215 -9.15 -1.15 -0.74
N THR B 216 -9.50 -1.70 -1.90
CA THR B 216 -10.87 -1.70 -2.38
C THR B 216 -11.59 -2.90 -1.79
N VAL B 217 -12.73 -2.67 -1.18
CA VAL B 217 -13.41 -3.65 -0.36
C VAL B 217 -14.76 -3.98 -0.95
N ALA B 218 -15.09 -5.26 -0.98
CA ALA B 218 -16.37 -5.77 -1.47
C ALA B 218 -16.88 -6.82 -0.49
N PRO B 219 -18.19 -7.09 -0.49
CA PRO B 219 -18.75 -8.02 0.52
C PRO B 219 -18.49 -9.49 0.18
N SER B 220 -18.77 -10.32 1.19
CA SER B 220 -18.57 -11.80 1.15
C SER B 220 -17.13 -12.20 0.77
N HIS C 8 -14.60 47.88 26.76
CA HIS C 8 -13.79 47.86 27.97
C HIS C 8 -12.35 47.46 27.64
N ILE C 9 -11.42 47.70 28.57
CA ILE C 9 -10.00 47.41 28.37
C ILE C 9 -9.54 46.41 29.41
N GLY C 10 -8.61 45.54 29.01
CA GLY C 10 -8.12 44.49 29.86
C GLY C 10 -6.77 44.78 30.50
N PRO C 11 -6.52 44.13 31.63
CA PRO C 11 -5.26 44.35 32.38
C PRO C 11 -4.05 43.70 31.73
N GLY C 12 -3.87 43.91 30.43
CA GLY C 12 -2.69 43.38 29.76
C GLY C 12 -2.43 44.15 28.47
N ARG C 13 -3.26 45.17 28.22
CA ARG C 13 -3.16 45.94 26.98
C ARG C 13 -1.76 46.52 26.81
N ALA C 14 -1.10 46.86 27.92
CA ALA C 14 0.28 47.34 27.84
C ALA C 14 1.23 46.22 27.44
N PHE C 15 1.03 45.02 28.00
CA PHE C 15 1.95 43.93 27.71
C PHE C 15 1.83 43.46 26.26
N TYR C 16 0.61 43.36 25.74
CA TYR C 16 0.42 42.91 24.37
C TYR C 16 0.89 43.95 23.36
N THR C 17 0.98 45.23 23.76
CA THR C 17 1.46 46.23 22.81
C THR C 17 2.98 46.23 22.69
N THR C 18 3.67 46.04 23.80
CA THR C 18 5.12 46.13 23.81
C THR C 18 5.81 44.79 23.61
N GLY C 19 5.19 43.70 24.04
CA GLY C 19 5.93 42.46 24.17
C GLY C 19 6.91 42.48 25.30
N GLU C 20 6.81 43.50 26.16
CA GLU C 20 7.77 43.77 27.23
C GLU C 20 7.02 43.93 28.55
N ILE C 21 7.71 43.62 29.64
CA ILE C 21 7.14 43.86 30.96
C ILE C 21 8.23 43.79 32.02
N ALA D 1 1.83 -38.60 -34.53
CA ALA D 1 2.39 -37.43 -33.85
C ALA D 1 3.31 -36.62 -34.75
N LEU D 2 2.88 -35.41 -35.12
CA LEU D 2 3.77 -34.45 -35.77
C LEU D 2 4.64 -33.81 -34.71
N VAL D 3 5.95 -33.96 -34.83
CA VAL D 3 6.88 -33.36 -33.87
C VAL D 3 7.81 -32.41 -34.62
N MET D 4 7.96 -31.21 -34.08
CA MET D 4 8.96 -30.27 -34.54
C MET D 4 10.12 -30.32 -33.56
N THR D 5 11.35 -30.26 -34.11
CA THR D 5 12.58 -30.38 -33.33
C THR D 5 13.57 -29.34 -33.82
N GLN D 6 13.88 -28.36 -32.97
CA GLN D 6 14.81 -27.29 -33.30
C GLN D 6 16.20 -27.64 -32.79
N THR D 7 17.20 -27.46 -33.66
CA THR D 7 18.51 -28.10 -33.50
C THR D 7 19.39 -27.30 -32.55
N PRO D 8 19.84 -26.07 -32.89
CA PRO D 8 20.68 -25.37 -31.91
C PRO D 8 19.80 -24.89 -30.77
N SER D 9 19.95 -25.42 -29.56
CA SER D 9 19.04 -24.98 -28.51
C SER D 9 19.32 -23.53 -28.11
N SER D 10 20.55 -23.08 -28.25
CA SER D 10 20.90 -21.67 -28.10
C SER D 10 22.04 -21.34 -29.07
N VAL D 11 22.24 -20.05 -29.35
CA VAL D 11 23.32 -19.64 -30.25
C VAL D 11 23.57 -18.15 -30.09
N SER D 12 24.83 -17.75 -30.29
CA SER D 12 25.25 -16.36 -30.17
C SER D 12 25.98 -15.89 -31.43
N ALA D 13 25.93 -14.60 -31.67
CA ALA D 13 26.66 -13.97 -32.75
C ALA D 13 26.88 -12.50 -32.38
N ALA D 14 27.81 -11.86 -33.09
CA ALA D 14 28.06 -10.46 -32.80
C ALA D 14 27.00 -9.60 -33.47
N VAL D 15 26.91 -8.36 -33.02
CA VAL D 15 26.02 -7.39 -33.65
C VAL D 15 26.39 -7.19 -35.12
N GLY D 16 25.38 -7.15 -35.98
CA GLY D 16 25.59 -7.00 -37.40
C GLY D 16 25.99 -8.27 -38.11
N GLY D 17 26.25 -9.35 -37.38
CA GLY D 17 26.59 -10.63 -37.96
C GLY D 17 25.37 -11.39 -38.39
N THR D 18 25.50 -12.71 -38.43
CA THR D 18 24.51 -13.57 -39.04
C THR D 18 24.47 -14.90 -38.30
N VAL D 19 23.27 -15.43 -38.09
CA VAL D 19 23.06 -16.67 -37.37
C VAL D 19 21.96 -17.47 -38.10
N THR D 20 22.00 -18.79 -37.91
CA THR D 20 21.07 -19.71 -38.57
C THR D 20 20.48 -20.70 -37.57
N ILE D 21 19.15 -20.77 -37.54
CA ILE D 21 18.40 -21.72 -36.73
C ILE D 21 17.82 -22.78 -37.65
N ASN D 22 17.81 -24.04 -37.21
CA ASN D 22 17.19 -25.09 -38.00
C ASN D 22 16.00 -25.71 -37.27
N CYS D 23 15.03 -26.17 -38.06
CA CYS D 23 13.81 -26.77 -37.54
C CYS D 23 13.50 -28.03 -38.34
N GLN D 24 13.29 -29.14 -37.63
CA GLN D 24 13.08 -30.46 -38.24
C GLN D 24 11.68 -31.01 -37.94
N ALA D 25 11.01 -31.52 -38.98
CA ALA D 25 9.69 -32.13 -38.85
C ALA D 25 9.78 -33.65 -38.93
N SER D 26 8.85 -34.31 -38.23
CA SER D 26 8.81 -35.78 -38.25
C SER D 26 8.44 -36.29 -39.64
N GLU D 27 7.54 -35.58 -40.35
CA GLU D 27 7.07 -36.00 -41.68
C GLU D 27 7.24 -34.89 -42.70
N ASP D 28 6.69 -35.10 -43.90
CA ASP D 28 6.62 -34.07 -44.93
C ASP D 28 5.41 -33.17 -44.64
N ILE D 29 5.68 -31.92 -44.26
CA ILE D 29 4.60 -30.98 -43.98
C ILE D 29 4.23 -30.18 -45.22
N GLN D 30 4.90 -30.39 -46.34
CA GLN D 30 4.62 -29.71 -47.61
C GLN D 30 4.72 -28.19 -47.46
N ARG D 31 5.82 -27.76 -46.83
CA ARG D 31 6.25 -26.37 -46.73
C ARG D 31 5.35 -25.51 -45.85
N ASN D 32 4.52 -26.13 -45.01
CA ASN D 32 3.65 -25.39 -44.08
C ASN D 32 4.40 -25.17 -42.76
N LEU D 33 5.28 -24.16 -42.75
CA LEU D 33 6.19 -23.93 -41.63
C LEU D 33 6.21 -22.44 -41.29
N ALA D 34 5.88 -22.12 -40.05
CA ALA D 34 5.83 -20.74 -39.58
C ALA D 34 6.90 -20.47 -38.53
N TRP D 35 7.40 -19.23 -38.51
CA TRP D 35 8.40 -18.81 -37.53
C TRP D 35 7.85 -17.71 -36.62
N TYR D 36 8.32 -17.67 -35.38
CA TYR D 36 7.92 -16.63 -34.44
C TYR D 36 9.10 -16.13 -33.64
N GLN D 37 9.03 -14.85 -33.27
CA GLN D 37 9.99 -14.22 -32.36
C GLN D 37 9.30 -13.94 -31.03
N GLN D 38 9.90 -14.40 -29.92
CA GLN D 38 9.36 -14.09 -28.59
C GLN D 38 10.47 -13.63 -27.65
N LYS D 39 10.38 -12.31 -27.18
CA LYS D 39 11.30 -11.93 -26.11
C LYS D 39 10.71 -12.29 -24.75
N PRO D 40 11.56 -12.66 -23.79
CA PRO D 40 11.04 -13.00 -22.46
C PRO D 40 10.29 -11.81 -21.88
N GLY D 41 9.12 -12.10 -21.33
CA GLY D 41 8.22 -11.09 -20.83
C GLY D 41 7.13 -10.68 -21.79
N GLN D 42 7.22 -11.07 -23.05
CA GLN D 42 6.30 -10.57 -24.07
C GLN D 42 5.58 -11.72 -24.75
N ARG D 43 4.51 -11.36 -25.46
CA ARG D 43 3.79 -12.32 -26.30
C ARG D 43 4.63 -12.64 -27.55
N PRO D 44 4.38 -13.78 -28.20
CA PRO D 44 5.10 -14.10 -29.43
C PRO D 44 4.75 -13.13 -30.54
N LYS D 45 5.73 -12.88 -31.41
CA LYS D 45 5.55 -12.04 -32.58
C LYS D 45 5.57 -12.95 -33.81
N PHE D 46 4.50 -12.86 -34.62
CA PHE D 46 4.42 -13.60 -35.87
C PHE D 46 5.42 -13.07 -36.88
N LEU D 47 6.29 -13.93 -37.38
CA LEU D 47 7.38 -13.53 -38.27
C LEU D 47 7.21 -14.01 -39.70
N ILE D 48 6.90 -15.29 -39.89
CA ILE D 48 6.98 -15.94 -41.19
C ILE D 48 5.96 -17.07 -41.22
N TYR D 49 5.29 -17.21 -42.38
CA TYR D 49 4.42 -18.35 -42.66
C TYR D 49 4.78 -18.94 -44.03
N GLY D 50 4.53 -20.24 -44.17
CA GLY D 50 4.81 -20.91 -45.42
C GLY D 50 6.27 -20.87 -45.80
N VAL D 51 7.12 -21.23 -44.84
CA VAL D 51 8.57 -21.36 -45.01
C VAL D 51 9.25 -20.01 -45.19
N SER D 52 8.64 -19.05 -45.93
CA SER D 52 9.40 -17.84 -46.24
C SER D 52 8.60 -16.56 -46.48
N ASN D 53 7.28 -16.57 -46.36
CA ASN D 53 6.52 -15.35 -46.64
C ASN D 53 6.55 -14.44 -45.42
N LEU D 54 7.20 -13.29 -45.55
CA LEU D 54 7.30 -12.36 -44.43
C LEU D 54 5.93 -11.79 -44.10
N GLU D 55 5.59 -11.84 -42.83
CA GLU D 55 4.52 -11.01 -42.29
C GLU D 55 4.86 -9.54 -42.53
N SER D 56 3.82 -8.70 -42.53
CA SER D 56 4.03 -7.27 -42.76
C SER D 56 4.87 -6.68 -41.64
N GLY D 57 5.77 -5.76 -42.02
CA GLY D 57 6.68 -5.15 -41.09
C GLY D 57 7.93 -5.95 -40.79
N VAL D 58 8.00 -7.21 -41.19
CA VAL D 58 9.17 -8.01 -40.87
C VAL D 58 10.26 -7.75 -41.92
N PRO D 59 11.43 -7.27 -41.51
CA PRO D 59 12.49 -6.94 -42.47
C PRO D 59 13.02 -8.17 -43.19
N SER D 60 13.70 -7.91 -44.31
CA SER D 60 14.08 -8.99 -45.22
C SER D 60 15.15 -9.89 -44.62
N ARG D 61 15.95 -9.35 -43.70
CA ARG D 61 17.10 -10.06 -43.15
C ARG D 61 16.68 -11.28 -42.34
N PHE D 62 15.37 -11.53 -42.24
CA PHE D 62 14.83 -12.77 -41.70
C PHE D 62 14.48 -13.64 -42.91
N LYS D 63 15.41 -14.53 -43.27
CA LYS D 63 15.24 -15.40 -44.44
C LYS D 63 14.94 -16.81 -43.97
N GLY D 64 13.69 -17.25 -44.13
CA GLY D 64 13.35 -18.63 -43.93
C GLY D 64 13.45 -19.42 -45.23
N SER D 65 14.01 -20.61 -45.14
CA SER D 65 14.09 -21.53 -46.27
C SER D 65 13.85 -22.94 -45.76
N GLY D 66 13.97 -23.91 -46.66
CA GLY D 66 13.74 -25.31 -46.35
C GLY D 66 12.64 -25.90 -47.21
N SER D 67 12.50 -27.22 -47.07
CA SER D 67 11.52 -27.95 -47.86
C SER D 67 11.35 -29.34 -47.30
N GLY D 68 10.12 -29.85 -47.38
CA GLY D 68 9.83 -31.21 -46.98
C GLY D 68 9.97 -31.46 -45.49
N THR D 69 11.15 -31.87 -45.06
CA THR D 69 11.36 -32.25 -43.67
C THR D 69 12.32 -31.33 -42.93
N GLU D 70 13.15 -30.58 -43.66
CA GLU D 70 14.23 -29.78 -43.08
C GLU D 70 14.04 -28.30 -43.43
N TYR D 71 13.97 -27.44 -42.40
CA TYR D 71 13.79 -26.01 -42.55
C TYR D 71 14.77 -25.24 -41.66
N THR D 72 15.03 -23.99 -42.03
CA THR D 72 15.99 -23.14 -41.34
C THR D 72 15.53 -21.69 -41.33
N LEU D 73 15.80 -20.99 -40.23
CA LEU D 73 15.71 -19.54 -40.20
C LEU D 73 17.12 -18.94 -40.14
N THR D 74 17.35 -17.92 -40.97
CA THR D 74 18.63 -17.21 -41.05
C THR D 74 18.40 -15.73 -40.83
N ILE D 75 18.97 -15.20 -39.76
CA ILE D 75 18.91 -13.78 -39.42
C ILE D 75 20.26 -13.18 -39.73
N SER D 76 20.28 -12.18 -40.61
CA SER D 76 21.47 -11.44 -40.97
C SER D 76 21.30 -9.98 -40.53
N ASP D 77 22.42 -9.26 -40.49
CA ASP D 77 22.48 -7.89 -40.00
C ASP D 77 21.86 -7.76 -38.60
N LEU D 78 22.30 -8.66 -37.72
CA LEU D 78 21.79 -8.72 -36.35
C LEU D 78 21.90 -7.37 -35.64
N GLU D 79 20.84 -7.00 -34.92
CA GLU D 79 20.89 -5.87 -34.00
C GLU D 79 20.37 -6.35 -32.63
N CYS D 80 20.72 -5.58 -31.59
CA CYS D 80 20.38 -6.01 -30.24
C CYS D 80 18.88 -6.25 -30.11
N ASP D 81 18.07 -5.45 -30.79
CA ASP D 81 16.62 -5.61 -30.75
C ASP D 81 16.17 -6.97 -31.31
N ASP D 82 17.10 -7.78 -31.84
CA ASP D 82 16.77 -9.13 -32.26
C ASP D 82 17.00 -10.21 -31.20
N ALA D 83 17.56 -9.87 -30.04
CA ALA D 83 17.78 -10.85 -29.00
C ALA D 83 16.47 -11.44 -28.49
N ALA D 84 16.27 -12.75 -28.70
CA ALA D 84 15.00 -13.39 -28.37
C ALA D 84 15.05 -14.90 -28.59
N THR D 85 13.96 -15.58 -28.25
CA THR D 85 13.79 -16.98 -28.58
C THR D 85 12.89 -17.07 -29.80
N TYR D 86 13.31 -17.89 -30.76
CA TYR D 86 12.59 -18.08 -32.00
C TYR D 86 11.99 -19.48 -32.05
N TYR D 87 10.74 -19.53 -32.50
CA TYR D 87 9.95 -20.77 -32.56
C TYR D 87 9.49 -21.01 -33.98
N CYS D 88 9.72 -22.23 -34.47
CA CYS D 88 9.05 -22.71 -35.68
C CYS D 88 7.76 -23.43 -35.29
N GLN D 89 6.83 -23.46 -36.25
CA GLN D 89 5.52 -24.05 -36.03
C GLN D 89 5.02 -24.63 -37.34
N SER D 90 4.48 -25.85 -37.29
CA SER D 90 3.85 -26.48 -38.45
C SER D 90 2.59 -27.22 -38.01
N ALA D 91 1.90 -27.82 -39.00
CA ALA D 91 0.61 -28.46 -38.79
C ALA D 91 0.36 -29.50 -39.86
N LEU D 92 -0.29 -30.60 -39.47
CA LEU D 92 -0.90 -31.55 -40.38
C LEU D 92 -2.42 -31.48 -40.24
N TYR D 93 -3.13 -31.31 -41.35
CA TYR D 93 -4.57 -31.12 -41.33
C TYR D 93 -5.33 -32.42 -41.57
N THR D 94 -4.81 -33.52 -41.04
CA THR D 94 -5.39 -34.84 -41.20
C THR D 94 -5.85 -35.44 -39.89
N SER D 95 -5.18 -35.14 -38.79
CA SER D 95 -5.60 -35.56 -37.46
C SER D 95 -5.86 -34.31 -36.62
N ALA D 96 -6.74 -34.45 -35.62
CA ALA D 96 -7.03 -33.30 -34.76
C ALA D 96 -5.82 -32.90 -33.93
N THR D 97 -4.97 -33.85 -33.56
CA THR D 97 -3.82 -33.57 -32.72
C THR D 97 -2.65 -32.97 -33.48
N ASP D 98 -2.74 -32.89 -34.80
CA ASP D 98 -1.69 -32.34 -35.62
C ASP D 98 -2.10 -31.02 -36.22
N ILE D 99 -3.21 -30.47 -35.73
CA ILE D 99 -3.67 -29.14 -36.09
C ILE D 99 -2.61 -28.09 -35.77
N CYS D 100 -1.76 -28.36 -34.79
CA CYS D 100 -0.69 -27.44 -34.44
C CYS D 100 0.40 -28.17 -33.70
N ALA D 101 1.66 -27.91 -34.09
CA ALA D 101 2.83 -28.38 -33.37
C ALA D 101 3.90 -27.29 -33.36
N PHE D 102 4.41 -26.99 -32.17
CA PHE D 102 5.48 -26.01 -31.98
C PHE D 102 6.80 -26.74 -31.79
N GLY D 103 7.87 -26.14 -32.31
CA GLY D 103 9.20 -26.58 -31.95
C GLY D 103 9.53 -26.19 -30.52
N GLY D 104 10.72 -26.64 -30.08
CA GLY D 104 11.13 -26.36 -28.71
C GLY D 104 11.68 -24.97 -28.51
N GLY D 105 12.07 -24.29 -29.59
CA GLY D 105 12.57 -22.92 -29.54
C GLY D 105 14.08 -22.84 -29.48
N THR D 106 14.62 -21.80 -30.10
CA THR D 106 16.05 -21.56 -30.09
C THR D 106 16.31 -20.13 -29.66
N GLU D 107 17.12 -19.99 -28.60
CA GLU D 107 17.52 -18.69 -28.10
C GLU D 107 18.66 -18.12 -28.93
N VAL D 108 18.54 -16.85 -29.31
CA VAL D 108 19.56 -16.13 -30.07
C VAL D 108 20.09 -15.02 -29.17
N VAL D 109 21.36 -15.11 -28.81
CA VAL D 109 22.02 -14.12 -27.94
C VAL D 109 22.88 -13.23 -28.80
N VAL D 110 22.68 -11.93 -28.68
CA VAL D 110 23.37 -10.97 -29.53
C VAL D 110 24.53 -10.39 -28.72
N LYS D 111 25.75 -10.60 -29.21
CA LYS D 111 26.95 -10.19 -28.47
C LYS D 111 27.29 -8.76 -28.86
N GLY D 112 27.14 -7.84 -27.90
CA GLY D 112 27.43 -6.45 -28.10
C GLY D 112 28.76 -6.05 -27.50
N ASP D 113 28.91 -4.76 -27.27
CA ASP D 113 30.08 -4.21 -26.62
C ASP D 113 30.21 -4.81 -25.21
N PRO D 114 31.35 -5.41 -24.85
CA PRO D 114 31.55 -5.89 -23.48
C PRO D 114 31.51 -4.74 -22.47
N VAL D 115 30.72 -4.93 -21.41
CA VAL D 115 30.60 -3.92 -20.35
C VAL D 115 30.69 -4.61 -19.00
N ALA D 116 31.54 -4.10 -18.12
CA ALA D 116 31.54 -4.63 -16.76
C ALA D 116 30.37 -4.05 -15.98
N PRO D 117 29.81 -4.82 -15.05
CA PRO D 117 28.66 -4.33 -14.30
C PRO D 117 29.03 -3.27 -13.27
N THR D 118 28.07 -2.43 -12.96
CA THR D 118 28.05 -1.62 -11.77
C THR D 118 27.15 -2.30 -10.72
N VAL D 119 27.64 -2.39 -9.49
CA VAL D 119 27.05 -3.19 -8.43
C VAL D 119 26.56 -2.29 -7.29
N LEU D 120 25.32 -2.53 -6.86
CA LEU D 120 24.75 -1.81 -5.74
C LEU D 120 24.19 -2.80 -4.73
N ILE D 121 24.45 -2.55 -3.45
CA ILE D 121 23.92 -3.40 -2.39
C ILE D 121 22.94 -2.59 -1.54
N PHE D 122 21.81 -3.21 -1.23
CA PHE D 122 20.75 -2.50 -0.51
C PHE D 122 20.48 -3.17 0.83
N PRO D 123 20.96 -2.60 1.95
CA PRO D 123 20.65 -3.19 3.23
C PRO D 123 19.18 -2.97 3.55
N PRO D 124 18.57 -3.85 4.36
CA PRO D 124 17.12 -3.83 4.54
C PRO D 124 16.63 -2.52 5.11
N ALA D 125 15.42 -2.14 4.73
CA ALA D 125 14.81 -0.94 5.26
C ALA D 125 14.68 -1.03 6.78
N ALA D 126 14.62 0.16 7.41
CA ALA D 126 14.57 0.24 8.85
C ALA D 126 13.39 -0.53 9.43
N ASP D 127 12.30 -0.67 8.65
CA ASP D 127 11.09 -1.34 9.10
C ASP D 127 10.99 -2.79 8.66
N GLN D 128 12.03 -3.36 8.03
CA GLN D 128 11.94 -4.76 7.62
C GLN D 128 12.03 -5.71 8.81
N VAL D 129 12.88 -5.41 9.78
CA VAL D 129 13.24 -6.43 10.76
C VAL D 129 12.10 -6.68 11.75
N ALA D 130 11.27 -5.66 12.01
CA ALA D 130 10.12 -5.87 12.89
C ALA D 130 9.11 -6.86 12.33
N THR D 131 9.38 -7.43 11.15
CA THR D 131 8.49 -8.38 10.51
C THR D 131 8.96 -9.82 10.66
N GLY D 132 10.18 -10.04 11.14
CA GLY D 132 10.68 -11.37 11.36
C GLY D 132 11.54 -11.93 10.25
N THR D 133 11.43 -11.46 9.02
CA THR D 133 12.43 -11.81 8.02
C THR D 133 12.98 -10.56 7.35
N VAL D 134 14.20 -10.72 6.83
CA VAL D 134 14.98 -9.65 6.24
C VAL D 134 15.40 -10.07 4.83
N THR D 135 15.30 -9.12 3.88
CA THR D 135 15.73 -9.34 2.50
C THR D 135 16.75 -8.29 2.07
N ILE D 136 17.96 -8.73 1.73
CA ILE D 136 19.01 -7.84 1.22
C ILE D 136 19.02 -7.95 -0.30
N VAL D 137 19.08 -6.81 -0.98
CA VAL D 137 19.01 -6.78 -2.43
C VAL D 137 20.34 -6.28 -2.99
N CYS D 138 20.85 -6.98 -3.98
CA CYS D 138 22.04 -6.58 -4.70
C CYS D 138 21.69 -6.52 -6.18
N VAL D 139 22.13 -5.49 -6.88
CA VAL D 139 21.86 -5.37 -8.31
C VAL D 139 23.17 -5.19 -9.06
N ALA D 140 23.34 -5.93 -10.14
CA ALA D 140 24.34 -5.64 -11.15
C ALA D 140 23.65 -5.00 -12.35
N ASN D 141 23.96 -3.73 -12.61
CA ASN D 141 23.28 -2.94 -13.62
C ASN D 141 24.13 -2.82 -14.89
N LYS D 142 23.46 -2.94 -16.05
CA LYS D 142 23.99 -2.65 -17.40
C LYS D 142 25.33 -3.33 -17.74
N TYR D 143 25.30 -4.61 -18.11
CA TYR D 143 26.52 -5.40 -18.31
C TYR D 143 26.33 -6.42 -19.42
N PHE D 144 27.47 -6.83 -20.02
CA PHE D 144 27.55 -7.98 -20.92
C PHE D 144 28.99 -8.47 -20.98
N PRO D 145 29.24 -9.80 -21.00
CA PRO D 145 28.35 -10.95 -20.93
C PRO D 145 27.90 -11.26 -19.50
N ASP D 146 27.31 -12.44 -19.30
CA ASP D 146 26.72 -12.86 -18.04
C ASP D 146 27.72 -12.83 -16.91
N VAL D 147 27.18 -12.75 -15.70
CA VAL D 147 27.95 -12.67 -14.48
C VAL D 147 27.49 -13.77 -13.53
N THR D 148 28.22 -13.90 -12.44
CA THR D 148 27.96 -14.86 -11.39
C THR D 148 27.88 -14.13 -10.05
N VAL D 149 26.87 -14.45 -9.25
CA VAL D 149 26.72 -13.77 -7.98
C VAL D 149 27.08 -14.69 -6.82
N THR D 150 27.65 -14.11 -5.78
CA THR D 150 28.04 -14.82 -4.58
C THR D 150 27.74 -13.94 -3.37
N TRP D 151 27.27 -14.56 -2.31
CA TRP D 151 26.92 -13.85 -1.10
C TRP D 151 27.76 -14.38 0.04
N GLU D 152 28.02 -13.52 1.02
CA GLU D 152 28.90 -13.90 2.12
C GLU D 152 28.45 -13.15 3.34
N VAL D 153 28.27 -13.87 4.43
CA VAL D 153 27.95 -13.26 5.72
C VAL D 153 29.08 -13.58 6.68
N ASP D 154 29.76 -12.53 7.16
CA ASP D 154 30.90 -12.67 8.05
C ASP D 154 31.83 -13.76 7.53
N GLY D 155 32.01 -13.80 6.20
CA GLY D 155 32.95 -14.71 5.59
C GLY D 155 32.42 -16.09 5.28
N THR D 156 31.13 -16.37 5.54
CA THR D 156 30.56 -17.69 5.27
C THR D 156 29.81 -17.63 3.95
N THR D 157 30.24 -18.46 3.00
CA THR D 157 29.58 -18.57 1.71
C THR D 157 28.11 -18.93 1.90
N GLN D 158 27.23 -18.15 1.29
CA GLN D 158 25.81 -18.44 1.40
C GLN D 158 25.37 -19.32 0.24
N THR D 159 24.64 -20.39 0.55
CA THR D 159 24.13 -21.32 -0.44
C THR D 159 22.63 -21.45 -0.41
N THR D 160 21.95 -20.87 0.59
CA THR D 160 20.51 -20.94 0.77
C THR D 160 19.94 -19.51 0.79
N GLY D 161 18.66 -19.39 0.48
CA GLY D 161 17.94 -18.13 0.57
C GLY D 161 18.21 -17.12 -0.50
N ILE D 162 18.71 -17.53 -1.66
CA ILE D 162 19.18 -16.62 -2.69
C ILE D 162 18.28 -16.76 -3.91
N GLU D 163 17.70 -15.64 -4.35
CA GLU D 163 16.91 -15.58 -5.58
C GLU D 163 17.54 -14.57 -6.53
N ASN D 164 17.70 -14.95 -7.80
CA ASN D 164 18.22 -14.06 -8.82
C ASN D 164 17.21 -13.91 -9.94
N SER D 165 17.24 -12.75 -10.58
CA SER D 165 16.35 -12.43 -11.69
C SER D 165 17.01 -11.43 -12.64
N LYS D 166 16.95 -11.72 -13.93
CA LYS D 166 17.69 -10.97 -14.94
C LYS D 166 16.75 -10.30 -15.92
N THR D 167 16.95 -9.01 -16.20
CA THR D 167 16.23 -8.40 -17.30
C THR D 167 16.71 -9.00 -18.62
N PRO D 168 15.84 -9.09 -19.61
CA PRO D 168 16.27 -9.60 -20.92
C PRO D 168 17.21 -8.60 -21.60
N GLN D 169 17.81 -9.04 -22.70
CA GLN D 169 18.82 -8.20 -23.33
C GLN D 169 18.22 -6.87 -23.77
N ASN D 170 18.97 -5.80 -23.54
CA ASN D 170 18.48 -4.47 -23.85
C ASN D 170 18.43 -4.25 -25.36
N SER D 171 17.29 -3.70 -25.81
CA SER D 171 17.04 -3.55 -27.24
C SER D 171 18.11 -2.70 -27.90
N ALA D 172 18.72 -1.79 -27.15
CA ALA D 172 19.67 -0.86 -27.74
C ALA D 172 21.10 -1.40 -27.70
N ASP D 173 21.59 -1.83 -26.53
CA ASP D 173 23.01 -2.15 -26.35
C ASP D 173 23.26 -3.57 -25.88
N CYS D 174 22.26 -4.44 -25.88
CA CYS D 174 22.41 -5.87 -25.62
C CYS D 174 22.73 -6.22 -24.16
N THR D 175 22.73 -5.24 -23.25
CA THR D 175 23.21 -5.51 -21.90
C THR D 175 22.11 -6.12 -21.03
N TYR D 176 22.55 -6.75 -19.95
CA TYR D 176 21.68 -7.30 -18.92
C TYR D 176 21.64 -6.40 -17.67
N ASN D 177 20.63 -6.64 -16.85
CA ASN D 177 20.63 -6.22 -15.46
C ASN D 177 20.25 -7.41 -14.61
N LEU D 178 20.77 -7.45 -13.38
CA LEU D 178 20.58 -8.57 -12.48
C LEU D 178 20.22 -8.03 -11.12
N SER D 179 19.25 -8.67 -10.48
CA SER D 179 19.00 -8.47 -9.07
C SER D 179 19.20 -9.79 -8.34
N SER D 180 19.86 -9.71 -7.18
CA SER D 180 20.06 -10.87 -6.34
C SER D 180 19.60 -10.58 -4.94
N THR D 181 18.82 -11.49 -4.38
CA THR D 181 18.17 -11.32 -3.09
C THR D 181 18.68 -12.38 -2.13
N LEU D 182 19.02 -11.96 -0.92
CA LEU D 182 19.37 -12.87 0.17
C LEU D 182 18.36 -12.67 1.29
N THR D 183 17.71 -13.76 1.70
CA THR D 183 16.66 -13.73 2.71
C THR D 183 17.05 -14.55 3.93
N LEU D 184 16.87 -13.96 5.11
CA LEU D 184 17.22 -14.60 6.37
C LEU D 184 16.17 -14.28 7.43
N THR D 185 16.25 -15.03 8.51
CA THR D 185 15.52 -14.71 9.74
C THR D 185 16.04 -13.39 10.32
N SER D 186 15.14 -12.67 11.02
CA SER D 186 15.57 -11.45 11.71
C SER D 186 16.65 -11.71 12.75
N THR D 187 16.69 -12.91 13.32
CA THR D 187 17.69 -13.23 14.31
C THR D 187 19.00 -13.69 13.67
N GLN D 188 18.92 -14.47 12.59
CA GLN D 188 20.10 -14.65 11.76
C GLN D 188 20.71 -13.30 11.40
N TYR D 189 19.88 -12.37 10.93
CA TYR D 189 20.43 -11.12 10.43
C TYR D 189 20.95 -10.25 11.57
N ASN D 190 20.22 -10.17 12.68
CA ASN D 190 20.74 -9.39 13.81
C ASN D 190 21.83 -10.12 14.60
N SER D 191 22.15 -11.36 14.25
CA SER D 191 23.26 -12.06 14.88
C SER D 191 24.53 -12.06 14.00
N HIS D 192 24.61 -11.19 12.99
CA HIS D 192 25.78 -11.12 12.11
C HIS D 192 26.08 -9.68 11.71
N LYS D 193 27.30 -9.47 11.20
CA LYS D 193 27.84 -8.13 11.01
C LYS D 193 28.08 -7.75 9.56
N GLU D 194 28.91 -8.49 8.82
CA GLU D 194 29.32 -8.04 7.49
C GLU D 194 28.57 -8.83 6.41
N TYR D 195 27.85 -8.09 5.56
CA TYR D 195 27.13 -8.67 4.43
C TYR D 195 27.79 -8.24 3.12
N THR D 196 28.06 -9.22 2.26
CA THR D 196 28.91 -9.03 1.10
C THR D 196 28.22 -9.60 -0.15
N CYS D 197 28.14 -8.78 -1.20
CA CYS D 197 27.70 -9.21 -2.51
C CYS D 197 28.89 -9.18 -3.48
N LYS D 198 29.10 -10.27 -4.21
CA LYS D 198 30.25 -10.39 -5.12
C LYS D 198 29.79 -10.77 -6.51
N VAL D 199 30.00 -9.88 -7.47
CA VAL D 199 29.58 -10.10 -8.84
C VAL D 199 30.82 -10.36 -9.69
N THR D 200 30.82 -11.47 -10.42
CA THR D 200 31.99 -11.89 -11.16
C THR D 200 31.65 -12.03 -12.63
N GLN D 201 32.48 -11.43 -13.48
CA GLN D 201 32.38 -11.49 -14.94
C GLN D 201 33.75 -11.92 -15.46
N GLY D 202 33.96 -13.23 -15.57
CA GLY D 202 35.25 -13.77 -15.99
C GLY D 202 36.36 -13.46 -15.02
N THR D 203 37.31 -12.67 -15.47
CA THR D 203 38.45 -12.34 -14.62
C THR D 203 38.25 -11.07 -13.82
N THR D 204 37.06 -10.49 -13.86
CA THR D 204 36.75 -9.29 -13.09
C THR D 204 35.68 -9.58 -12.04
N SER D 205 35.84 -8.96 -10.88
CA SER D 205 34.82 -9.05 -9.85
C SER D 205 34.64 -7.67 -9.24
N VAL D 206 33.39 -7.31 -8.97
CA VAL D 206 33.07 -6.13 -8.17
C VAL D 206 32.36 -6.62 -6.92
N VAL D 207 32.76 -6.10 -5.77
CA VAL D 207 32.31 -6.63 -4.49
C VAL D 207 31.72 -5.48 -3.69
N GLN D 208 30.47 -5.62 -3.27
CA GLN D 208 29.84 -4.64 -2.40
C GLN D 208 29.49 -5.26 -1.06
N SER D 209 29.76 -4.49 -0.01
CA SER D 209 29.58 -4.93 1.35
C SER D 209 28.92 -3.81 2.12
N PHE D 210 28.28 -4.18 3.22
CA PHE D 210 27.94 -3.22 4.24
C PHE D 210 28.03 -3.94 5.57
N ASN D 211 28.24 -3.17 6.63
CA ASN D 211 28.18 -3.69 7.98
C ASN D 211 26.87 -3.24 8.61
N ARG D 212 26.16 -4.19 9.22
CA ARG D 212 24.82 -3.92 9.75
C ARG D 212 24.80 -2.71 10.66
N GLY D 213 25.78 -2.59 11.55
CA GLY D 213 25.77 -1.51 12.54
C GLY D 213 25.78 -0.11 11.94
N ASP D 214 26.40 0.06 10.78
CA ASP D 214 26.60 1.39 10.20
C ASP D 214 25.40 1.86 9.37
N CYS D 215 24.48 0.96 9.05
CA CYS D 215 23.28 1.29 8.29
C CYS D 215 22.04 1.15 9.16
N GLN E 3 -7.54 -7.43 -32.44
CA GLN E 3 -6.87 -7.40 -31.15
C GLN E 3 -7.47 -8.37 -30.11
N LEU E 4 -6.60 -9.09 -29.40
CA LEU E 4 -7.00 -10.08 -28.42
C LEU E 4 -6.57 -9.67 -27.00
N VAL E 5 -7.36 -10.05 -26.00
CA VAL E 5 -7.09 -9.80 -24.59
C VAL E 5 -7.65 -10.95 -23.74
N GLU E 6 -6.78 -11.68 -23.06
CA GLU E 6 -7.20 -12.76 -22.18
C GLU E 6 -7.52 -12.22 -20.79
N SER E 7 -8.21 -13.04 -19.99
CA SER E 7 -8.76 -12.59 -18.72
C SER E 7 -9.30 -13.79 -17.95
N GLY E 8 -9.21 -13.70 -16.62
CA GLY E 8 -9.76 -14.73 -15.77
C GLY E 8 -8.73 -15.54 -15.01
N GLY E 9 -7.46 -15.30 -15.29
CA GLY E 9 -6.42 -16.04 -14.60
C GLY E 9 -6.37 -15.72 -13.11
N GLY E 10 -5.82 -16.66 -12.36
CA GLY E 10 -5.67 -16.46 -10.94
C GLY E 10 -5.19 -17.74 -10.28
N LEU E 11 -5.46 -17.84 -9.00
CA LEU E 11 -5.14 -19.05 -8.28
C LEU E 11 -6.07 -20.18 -8.73
N VAL E 12 -5.61 -21.42 -8.57
CA VAL E 12 -6.50 -22.56 -8.73
C VAL E 12 -5.93 -23.72 -7.91
N LYS E 13 -6.80 -24.34 -7.11
CA LYS E 13 -6.37 -25.43 -6.25
C LYS E 13 -6.16 -26.70 -7.07
N PRO E 14 -5.22 -27.55 -6.67
CA PRO E 14 -4.93 -28.76 -7.46
C PRO E 14 -6.17 -29.63 -7.51
N GLY E 15 -6.69 -29.82 -8.72
CA GLY E 15 -7.98 -30.45 -8.90
C GLY E 15 -9.11 -29.47 -9.09
N GLY E 16 -8.91 -28.22 -8.69
CA GLY E 16 -9.87 -27.18 -9.02
C GLY E 16 -9.96 -26.95 -10.53
N THR E 17 -11.00 -26.21 -10.90
CA THR E 17 -11.33 -25.95 -12.29
C THR E 17 -11.50 -24.45 -12.47
N LEU E 18 -11.01 -23.95 -13.60
CA LEU E 18 -10.94 -22.52 -13.86
C LEU E 18 -11.50 -22.26 -15.25
N THR E 19 -11.97 -21.04 -15.46
CA THR E 19 -12.46 -20.64 -16.77
C THR E 19 -11.77 -19.35 -17.18
N LEU E 20 -11.02 -19.40 -18.27
CA LEU E 20 -10.39 -18.22 -18.83
C LEU E 20 -11.20 -17.79 -20.03
N THR E 21 -11.20 -16.50 -20.29
CA THR E 21 -11.97 -15.97 -21.40
C THR E 21 -11.06 -15.14 -22.28
N CYS E 22 -11.29 -15.25 -23.58
CA CYS E 22 -10.61 -14.48 -24.59
C CYS E 22 -11.61 -13.56 -25.26
N THR E 23 -11.19 -12.33 -25.56
CA THR E 23 -12.09 -11.32 -26.08
C THR E 23 -11.42 -10.56 -27.21
N ALA E 24 -12.01 -10.64 -28.40
CA ALA E 24 -11.47 -10.01 -29.60
C ALA E 24 -12.10 -8.64 -29.84
N SER E 25 -11.29 -7.71 -30.35
CA SER E 25 -11.76 -6.37 -30.68
C SER E 25 -11.18 -5.95 -32.02
N GLY E 26 -12.01 -5.26 -32.83
CA GLY E 26 -11.61 -4.76 -34.13
C GLY E 26 -11.87 -5.69 -35.29
N PHE E 27 -12.26 -6.94 -35.02
CA PHE E 27 -12.72 -7.90 -36.01
C PHE E 27 -13.71 -8.82 -35.32
N SER E 28 -14.38 -9.67 -36.11
CA SER E 28 -15.43 -10.51 -35.56
C SER E 28 -15.30 -11.92 -36.12
N PHE E 29 -15.89 -12.87 -35.39
CA PHE E 29 -15.80 -14.30 -35.70
C PHE E 29 -16.62 -14.64 -36.94
N SER E 30 -16.02 -14.41 -38.11
CA SER E 30 -16.59 -14.92 -39.34
C SER E 30 -16.11 -16.36 -39.52
N SER E 31 -15.94 -16.81 -40.76
CA SER E 31 -15.35 -18.12 -41.01
C SER E 31 -14.12 -17.96 -41.89
N GLY E 32 -13.29 -18.99 -41.93
CA GLY E 32 -12.01 -18.95 -42.62
C GLY E 32 -10.79 -18.83 -41.72
N PHE E 33 -10.95 -18.82 -40.39
CA PHE E 33 -9.82 -18.87 -39.48
C PHE E 33 -10.25 -19.60 -38.21
N PHE E 34 -9.28 -19.85 -37.33
CA PHE E 34 -9.51 -20.51 -36.05
C PHE E 34 -9.06 -19.64 -34.89
N MET E 35 -9.69 -19.83 -33.74
CA MET E 35 -9.26 -19.27 -32.47
C MET E 35 -8.67 -20.39 -31.63
N CYS E 36 -7.47 -20.18 -31.09
CA CYS E 36 -6.70 -21.24 -30.47
C CYS E 36 -6.17 -20.79 -29.11
N TRP E 37 -5.81 -21.78 -28.30
CA TRP E 37 -5.21 -21.55 -26.99
C TRP E 37 -3.83 -22.19 -26.96
N VAL E 38 -2.84 -21.43 -26.47
CA VAL E 38 -1.48 -21.90 -26.30
C VAL E 38 -1.02 -21.47 -24.92
N ARG E 39 -0.37 -22.37 -24.20
CA ARG E 39 0.14 -22.06 -22.88
C ARG E 39 1.66 -22.16 -22.86
N GLN E 40 2.26 -21.54 -21.84
CA GLN E 40 3.71 -21.43 -21.75
C GLN E 40 4.08 -21.37 -20.28
N ALA E 41 4.62 -22.48 -19.76
CA ALA E 41 5.11 -22.52 -18.40
C ALA E 41 6.32 -21.62 -18.26
N PRO E 42 6.65 -21.22 -17.03
CA PRO E 42 7.76 -20.28 -16.84
C PRO E 42 9.07 -20.81 -17.40
N GLY E 43 9.71 -20.04 -18.27
CA GLY E 43 10.96 -20.40 -18.87
C GLY E 43 10.88 -21.46 -19.94
N LYS E 44 9.77 -22.17 -20.00
CA LYS E 44 9.54 -23.29 -20.92
C LYS E 44 8.96 -22.75 -22.23
N GLY E 45 8.50 -23.67 -23.09
CA GLY E 45 8.13 -23.32 -24.44
C GLY E 45 6.63 -23.22 -24.67
N LEU E 46 6.29 -22.89 -25.92
CA LEU E 46 4.90 -22.81 -26.33
C LEU E 46 4.35 -24.21 -26.48
N GLU E 47 3.18 -24.46 -25.89
CA GLU E 47 2.54 -25.77 -25.91
C GLU E 47 1.08 -25.59 -26.32
N TRP E 48 0.73 -26.09 -27.49
CA TRP E 48 -0.61 -25.94 -28.02
C TRP E 48 -1.61 -26.78 -27.23
N ILE E 49 -2.82 -26.23 -27.07
CA ILE E 49 -3.90 -26.85 -26.30
C ILE E 49 -5.09 -27.21 -27.19
N GLY E 50 -5.60 -26.23 -27.94
CA GLY E 50 -6.75 -26.49 -28.77
C GLY E 50 -7.13 -25.26 -29.57
N CYS E 51 -7.91 -25.51 -30.63
CA CYS E 51 -8.50 -24.48 -31.47
C CYS E 51 -10.01 -24.72 -31.55
N ILE E 52 -10.70 -23.78 -32.19
CA ILE E 52 -12.15 -23.85 -32.38
C ILE E 52 -12.49 -23.00 -33.58
N TYR E 53 -13.39 -23.51 -34.42
CA TYR E 53 -13.58 -22.89 -35.73
C TYR E 53 -14.33 -21.57 -35.60
N GLY E 54 -13.91 -20.61 -36.42
CA GLY E 54 -14.67 -19.39 -36.55
C GLY E 54 -15.79 -19.69 -37.52
N GLY E 55 -17.03 -19.73 -37.06
CA GLY E 55 -18.15 -20.04 -37.93
C GLY E 55 -19.08 -21.06 -37.31
N SER E 56 -20.23 -21.22 -37.96
CA SER E 56 -21.37 -21.98 -37.41
C SER E 56 -21.01 -23.41 -37.05
N ASN E 57 -19.85 -23.89 -37.52
CA ASN E 57 -19.35 -25.21 -37.15
C ASN E 57 -19.20 -25.34 -35.64
N ASP E 58 -18.60 -24.33 -35.01
CA ASP E 58 -18.15 -24.42 -33.61
C ASP E 58 -17.28 -25.67 -33.39
N ASN E 59 -16.55 -26.07 -34.43
CA ASN E 59 -15.81 -27.33 -34.38
C ASN E 59 -14.56 -27.22 -33.51
N THR E 60 -14.43 -28.18 -32.60
CA THR E 60 -13.38 -28.21 -31.59
C THR E 60 -12.27 -29.20 -31.98
N TYR E 61 -11.02 -28.80 -31.76
CA TYR E 61 -9.86 -29.64 -32.05
C TYR E 61 -8.83 -29.52 -30.93
N TYR E 62 -8.46 -30.66 -30.31
CA TYR E 62 -7.63 -30.66 -29.11
C TYR E 62 -6.29 -31.37 -29.31
N ALA E 63 -5.33 -31.03 -28.45
CA ALA E 63 -4.08 -31.75 -28.36
C ALA E 63 -4.29 -33.07 -27.61
N ASN E 64 -3.42 -34.04 -27.89
CA ASN E 64 -3.50 -35.36 -27.29
C ASN E 64 -3.58 -35.27 -25.77
N TRP E 65 -2.59 -34.61 -25.16
CA TRP E 65 -2.51 -34.51 -23.71
C TRP E 65 -3.68 -33.73 -23.14
N ALA E 66 -4.36 -32.95 -23.97
CA ALA E 66 -5.30 -31.94 -23.51
C ALA E 66 -6.69 -32.50 -23.27
N LYS E 67 -7.15 -33.39 -24.14
CA LYS E 67 -8.55 -33.80 -24.16
C LYS E 67 -8.96 -34.40 -22.81
N GLY E 68 -10.21 -34.14 -22.42
CA GLY E 68 -10.72 -34.53 -21.12
C GLY E 68 -10.47 -33.54 -20.02
N ARG E 69 -9.48 -32.66 -20.19
CA ARG E 69 -9.11 -31.68 -19.19
C ARG E 69 -9.46 -30.24 -19.56
N PHE E 70 -9.60 -29.93 -20.85
CA PHE E 70 -9.85 -28.57 -21.32
C PHE E 70 -11.07 -28.53 -22.23
N THR E 71 -11.69 -27.36 -22.33
CA THR E 71 -12.86 -27.19 -23.18
C THR E 71 -12.95 -25.76 -23.72
N ILE E 72 -13.24 -25.65 -25.01
CA ILE E 72 -13.26 -24.38 -25.73
C ILE E 72 -14.66 -24.10 -26.26
N SER E 73 -15.14 -22.87 -26.09
CA SER E 73 -16.50 -22.54 -26.53
C SER E 73 -16.57 -21.10 -27.03
N LYS E 74 -17.34 -20.88 -28.10
CA LYS E 74 -17.57 -19.54 -28.65
C LYS E 74 -18.74 -18.94 -27.90
N THR E 75 -18.45 -18.25 -26.79
CA THR E 75 -19.51 -17.74 -25.93
C THR E 75 -20.31 -16.63 -26.61
N SER E 76 -19.72 -15.96 -27.60
CA SER E 76 -20.42 -14.90 -28.32
C SER E 76 -19.65 -14.63 -29.61
N SER E 77 -20.15 -13.66 -30.39
CA SER E 77 -19.51 -13.27 -31.64
C SER E 77 -18.09 -12.77 -31.44
N THR E 78 -17.71 -12.52 -30.19
CA THR E 78 -16.46 -11.87 -29.86
C THR E 78 -15.72 -12.52 -28.70
N THR E 79 -16.29 -13.54 -28.07
CA THR E 79 -15.72 -14.13 -26.87
C THR E 79 -15.62 -15.64 -27.01
N VAL E 80 -14.46 -16.18 -26.62
CA VAL E 80 -14.23 -17.62 -26.55
C VAL E 80 -13.73 -17.93 -25.14
N THR E 81 -14.14 -19.07 -24.60
CA THR E 81 -13.73 -19.44 -23.26
C THR E 81 -12.83 -20.66 -23.34
N LEU E 82 -11.95 -20.76 -22.36
CA LEU E 82 -11.20 -21.99 -22.10
C LEU E 82 -11.51 -22.41 -20.68
N GLN E 83 -11.94 -23.65 -20.52
CA GLN E 83 -12.23 -24.21 -19.22
C GLN E 83 -11.24 -25.33 -18.98
N MET E 84 -10.57 -25.29 -17.84
CA MET E 84 -9.50 -26.22 -17.57
C MET E 84 -9.61 -26.74 -16.16
N THR E 85 -9.15 -27.95 -15.95
CA THR E 85 -9.05 -28.52 -14.61
C THR E 85 -7.58 -28.74 -14.33
N SER E 86 -7.07 -28.10 -13.29
CA SER E 86 -5.69 -28.34 -12.96
C SER E 86 -5.53 -29.75 -12.43
N ARG E 87 -4.31 -30.23 -12.46
CA ARG E 87 -3.95 -31.45 -11.74
C ARG E 87 -2.58 -31.21 -11.13
N THR E 88 -1.62 -30.97 -12.00
CA THR E 88 -0.22 -30.86 -11.66
C THR E 88 0.17 -29.39 -11.50
N ALA E 89 1.33 -29.19 -10.87
CA ALA E 89 1.91 -27.86 -10.85
C ALA E 89 2.24 -27.36 -12.26
N ALA E 90 2.40 -28.28 -13.22
CA ALA E 90 2.67 -27.92 -14.61
C ALA E 90 1.50 -27.20 -15.26
N ASP E 91 0.36 -27.11 -14.61
CA ASP E 91 -0.71 -26.29 -15.15
C ASP E 91 -0.45 -24.80 -14.95
N THR E 92 0.43 -24.44 -14.02
CA THR E 92 0.89 -23.07 -13.86
C THR E 92 1.60 -22.57 -15.12
N ALA E 93 1.03 -21.58 -15.80
CA ALA E 93 1.65 -21.06 -17.01
C ALA E 93 0.94 -19.78 -17.42
N THR E 94 1.46 -19.16 -18.48
CA THR E 94 0.77 -18.08 -19.16
C THR E 94 -0.11 -18.68 -20.23
N TYR E 95 -1.38 -18.30 -20.25
CA TYR E 95 -2.32 -18.85 -21.22
C TYR E 95 -2.60 -17.81 -22.30
N PHE E 96 -2.32 -18.18 -23.54
CA PHE E 96 -2.40 -17.27 -24.67
C PHE E 96 -3.58 -17.61 -25.55
N CYS E 97 -4.34 -16.59 -25.91
CA CYS E 97 -5.34 -16.68 -26.94
C CYS E 97 -4.73 -16.20 -28.25
N ALA E 98 -4.87 -16.99 -29.30
CA ALA E 98 -4.33 -16.60 -30.61
C ALA E 98 -5.36 -16.88 -31.68
N ARG E 99 -5.08 -16.36 -32.86
CA ARG E 99 -5.90 -16.52 -34.05
C ARG E 99 -5.07 -17.17 -35.14
N ASP E 100 -5.47 -18.38 -35.53
CA ASP E 100 -4.90 -19.02 -36.72
C ASP E 100 -5.66 -18.51 -37.92
N ALA E 101 -5.06 -17.56 -38.64
CA ALA E 101 -5.68 -16.99 -39.82
C ALA E 101 -5.71 -17.97 -40.98
N GLY E 102 -4.83 -18.98 -40.97
CA GLY E 102 -4.75 -19.91 -42.08
C GLY E 102 -4.41 -19.25 -43.40
N THR E 103 -3.59 -18.19 -43.37
CA THR E 103 -3.37 -17.33 -44.52
C THR E 103 -2.80 -18.10 -45.72
N SER E 104 -3.53 -18.03 -46.84
CA SER E 104 -3.14 -18.73 -48.07
C SER E 104 -2.96 -20.22 -47.85
N GLY E 105 -3.70 -20.78 -46.89
CA GLY E 105 -3.63 -22.20 -46.59
C GLY E 105 -2.42 -22.66 -45.82
N TYR E 106 -1.71 -21.77 -45.13
CA TYR E 106 -0.65 -22.16 -44.21
C TYR E 106 -1.08 -21.81 -42.79
N ILE E 107 -0.45 -22.46 -41.81
CA ILE E 107 -0.77 -22.10 -40.43
C ILE E 107 -0.17 -20.73 -40.12
N ALA E 108 -0.95 -19.88 -39.47
CA ALA E 108 -0.51 -18.50 -39.27
C ALA E 108 -1.24 -17.94 -38.05
N TYR E 109 -0.58 -18.01 -36.90
CA TYR E 109 -1.06 -17.38 -35.68
C TYR E 109 -0.62 -15.94 -35.75
N ASN E 110 -1.39 -15.14 -36.46
CA ASN E 110 -1.02 -13.76 -36.77
C ASN E 110 -1.52 -12.75 -35.74
N LEU E 111 -2.19 -13.20 -34.68
CA LEU E 111 -2.66 -12.28 -33.66
C LEU E 111 -2.65 -12.95 -32.28
N TRP E 112 -2.12 -12.25 -31.28
CA TRP E 112 -1.92 -12.82 -29.96
C TRP E 112 -2.38 -11.83 -28.90
N GLY E 113 -2.93 -12.36 -27.81
CA GLY E 113 -3.17 -11.54 -26.64
C GLY E 113 -1.93 -11.39 -25.79
N PRO E 114 -2.03 -10.56 -24.75
CA PRO E 114 -0.90 -10.42 -23.82
C PRO E 114 -0.72 -11.63 -22.94
N GLY E 115 -1.76 -12.46 -22.81
CA GLY E 115 -1.75 -13.61 -21.94
C GLY E 115 -2.37 -13.29 -20.58
N THR E 116 -2.81 -14.35 -19.91
CA THR E 116 -3.33 -14.27 -18.56
C THR E 116 -2.74 -15.41 -17.75
N LEU E 117 -2.42 -15.13 -16.49
CA LEU E 117 -1.59 -16.00 -15.67
C LEU E 117 -2.45 -16.89 -14.78
N VAL E 118 -2.22 -18.20 -14.87
CA VAL E 118 -2.86 -19.20 -14.01
C VAL E 118 -1.80 -19.77 -13.06
N THR E 119 -2.12 -19.81 -11.77
CA THR E 119 -1.21 -20.37 -10.77
C THR E 119 -1.89 -21.49 -10.02
N VAL E 120 -1.33 -22.69 -10.12
CA VAL E 120 -1.80 -23.83 -9.33
C VAL E 120 -1.17 -23.74 -7.93
N SER E 121 -2.01 -23.60 -6.92
CA SER E 121 -1.54 -23.44 -5.56
C SER E 121 -2.68 -23.76 -4.61
N SER E 122 -2.33 -24.29 -3.44
CA SER E 122 -3.32 -24.50 -2.39
C SER E 122 -3.55 -23.25 -1.57
N GLY E 123 -2.77 -22.20 -1.80
CA GLY E 123 -2.73 -21.07 -0.91
C GLY E 123 -3.80 -20.02 -1.16
N GLN E 124 -3.93 -19.17 -0.18
CA GLN E 124 -4.77 -17.99 -0.22
C GLN E 124 -4.05 -16.86 -0.97
N PRO E 125 -4.80 -15.96 -1.61
CA PRO E 125 -4.17 -14.74 -2.10
C PRO E 125 -3.49 -13.99 -0.98
N LYS E 126 -2.50 -13.18 -1.34
CA LYS E 126 -1.75 -12.40 -0.37
C LYS E 126 -1.18 -11.19 -1.08
N ALA E 127 -1.28 -10.11 -0.50
CA ALA E 127 -0.80 -8.85 -1.02
C ALA E 127 0.62 -8.62 -0.55
N PRO E 128 1.45 -7.99 -1.37
CA PRO E 128 2.88 -7.88 -1.06
C PRO E 128 3.14 -6.83 0.00
N SER E 129 4.19 -7.05 0.77
CA SER E 129 4.79 -5.96 1.51
C SER E 129 5.77 -5.22 0.60
N VAL E 130 5.93 -3.92 0.85
CA VAL E 130 6.76 -3.09 -0.02
C VAL E 130 7.82 -2.39 0.82
N PHE E 131 9.09 -2.68 0.53
CA PHE E 131 10.12 -2.05 1.33
C PHE E 131 11.02 -1.16 0.49
N PRO E 132 11.45 -0.03 1.02
CA PRO E 132 12.31 0.88 0.25
C PRO E 132 13.73 0.34 0.07
N LEU E 133 14.32 0.65 -1.10
CA LEU E 133 15.72 0.35 -1.41
C LEU E 133 16.49 1.66 -1.48
N ALA E 134 17.43 1.83 -0.55
CA ALA E 134 18.30 2.99 -0.45
C ALA E 134 19.71 2.54 -0.07
N PRO E 135 20.73 3.30 -0.49
CA PRO E 135 22.10 2.98 -0.06
C PRO E 135 22.26 3.12 1.45
N CYS E 136 23.22 2.37 1.99
CA CYS E 136 23.52 2.42 3.42
C CYS E 136 23.66 3.85 3.91
N CYS E 137 22.97 4.15 5.02
CA CYS E 137 22.92 5.53 5.52
C CYS E 137 24.32 6.07 5.82
N GLY E 138 25.25 5.18 6.14
CA GLY E 138 26.63 5.49 6.43
C GLY E 138 27.56 5.68 5.26
N ASP E 139 27.08 5.52 4.04
CA ASP E 139 27.91 5.82 2.89
C ASP E 139 27.91 7.31 2.64
N THR E 140 28.90 7.77 1.86
CA THR E 140 29.02 9.17 1.53
C THR E 140 28.15 9.47 0.31
N PRO E 141 27.35 10.54 0.37
CA PRO E 141 26.43 10.84 -0.74
C PRO E 141 27.15 11.15 -2.05
N SER E 142 26.58 10.67 -3.15
CA SER E 142 27.05 10.98 -4.48
C SER E 142 26.04 11.88 -5.18
N SER E 143 26.49 12.52 -6.27
CA SER E 143 25.67 13.41 -7.06
C SER E 143 24.51 12.69 -7.74
N THR E 144 24.52 11.36 -7.75
CA THR E 144 23.54 10.56 -8.44
C THR E 144 23.34 9.31 -7.59
N VAL E 145 22.09 8.83 -7.50
CA VAL E 145 21.79 7.74 -6.57
C VAL E 145 20.72 6.85 -7.17
N THR E 146 20.79 5.58 -6.83
CA THR E 146 19.81 4.59 -7.25
C THR E 146 18.97 4.18 -6.05
N LEU E 147 17.68 4.42 -6.16
CA LEU E 147 16.69 4.10 -5.15
C LEU E 147 15.75 3.04 -5.72
N GLY E 148 14.92 2.46 -4.87
CA GLY E 148 13.98 1.48 -5.41
C GLY E 148 13.03 0.91 -4.37
N CYS E 149 12.26 -0.07 -4.84
CA CYS E 149 11.26 -0.72 -4.00
C CYS E 149 11.39 -2.21 -4.13
N LEU E 150 11.32 -2.90 -3.00
CA LEU E 150 11.23 -4.35 -2.95
C LEU E 150 9.78 -4.74 -2.72
N VAL E 151 9.21 -5.52 -3.63
CA VAL E 151 7.81 -5.92 -3.57
C VAL E 151 7.81 -7.40 -3.23
N LYS E 152 7.57 -7.72 -1.96
CA LYS E 152 7.89 -9.03 -1.42
C LYS E 152 6.64 -9.83 -1.05
N GLY E 153 6.64 -11.10 -1.44
CA GLY E 153 5.75 -12.07 -0.84
C GLY E 153 4.27 -11.98 -1.19
N TYR E 154 3.95 -12.06 -2.49
CA TYR E 154 2.59 -11.87 -2.94
C TYR E 154 2.14 -13.09 -3.72
N LEU E 155 0.83 -13.23 -3.86
CA LEU E 155 0.26 -14.37 -4.54
C LEU E 155 -1.20 -14.06 -4.85
N PRO E 156 -1.68 -14.31 -6.08
CA PRO E 156 -0.90 -14.76 -7.24
C PRO E 156 -0.27 -13.59 -7.97
N GLU E 157 0.46 -13.86 -9.05
CA GLU E 157 0.85 -12.82 -9.97
C GLU E 157 -0.36 -12.34 -10.76
N PRO E 158 -0.31 -11.13 -11.33
CA PRO E 158 0.83 -10.22 -11.31
C PRO E 158 0.76 -9.06 -10.33
N VAL E 159 1.85 -8.30 -10.34
CA VAL E 159 1.96 -6.98 -9.74
C VAL E 159 2.41 -6.01 -10.82
N THR E 160 2.01 -4.76 -10.70
CA THR E 160 2.52 -3.72 -11.58
C THR E 160 3.31 -2.72 -10.74
N VAL E 161 4.39 -2.17 -11.29
CA VAL E 161 5.18 -1.16 -10.59
C VAL E 161 5.38 0.03 -11.52
N THR E 162 5.10 1.24 -11.02
CA THR E 162 5.41 2.48 -11.71
C THR E 162 6.05 3.44 -10.72
N TRP E 163 6.63 4.50 -11.26
CA TRP E 163 7.22 5.54 -10.44
C TRP E 163 6.58 6.89 -10.74
N ASN E 164 6.32 7.66 -9.68
CA ASN E 164 5.65 8.96 -9.80
C ASN E 164 4.42 8.86 -10.70
N SER E 165 3.58 7.86 -10.41
CA SER E 165 2.36 7.59 -11.16
C SER E 165 2.61 7.50 -12.66
N GLY E 166 3.69 6.84 -13.04
CA GLY E 166 4.01 6.68 -14.45
C GLY E 166 4.70 7.86 -15.09
N THR E 167 4.91 8.93 -14.33
CA THR E 167 5.62 10.12 -14.82
C THR E 167 7.10 9.88 -15.01
N LEU E 168 7.70 9.01 -14.20
CA LEU E 168 9.13 8.80 -14.20
C LEU E 168 9.44 7.45 -14.81
N THR E 169 9.96 7.44 -16.06
CA THR E 169 10.35 6.20 -16.70
C THR E 169 11.82 6.11 -17.06
N ASN E 170 12.52 7.24 -17.19
CA ASN E 170 13.91 7.20 -17.59
C ASN E 170 14.77 6.59 -16.49
N GLY E 171 15.55 5.59 -16.86
CA GLY E 171 16.44 5.00 -15.89
C GLY E 171 15.76 4.12 -14.87
N VAL E 172 14.61 3.53 -15.23
CA VAL E 172 13.86 2.60 -14.38
C VAL E 172 14.13 1.17 -14.82
N ARG E 173 14.46 0.29 -13.87
CA ARG E 173 14.63 -1.12 -14.15
C ARG E 173 13.75 -1.93 -13.20
N THR E 174 12.76 -2.59 -13.78
CA THR E 174 11.88 -3.49 -13.04
C THR E 174 12.19 -4.90 -13.51
N PHE E 175 12.54 -5.75 -12.59
CA PHE E 175 13.04 -7.10 -12.82
C PHE E 175 11.88 -8.10 -12.87
N PRO E 176 12.03 -9.21 -13.58
CA PRO E 176 10.99 -10.24 -13.54
C PRO E 176 10.77 -10.72 -12.12
N SER E 177 9.57 -11.20 -11.84
CA SER E 177 9.35 -11.70 -10.51
C SER E 177 10.11 -13.01 -10.35
N VAL E 178 10.29 -13.41 -9.11
CA VAL E 178 10.81 -14.71 -8.75
C VAL E 178 9.81 -15.35 -7.80
N ARG E 179 9.55 -16.62 -7.99
CA ARG E 179 8.71 -17.36 -7.06
C ARG E 179 9.60 -18.01 -6.02
N GLN E 180 9.27 -17.81 -4.73
CA GLN E 180 10.06 -18.39 -3.64
C GLN E 180 9.65 -19.84 -3.40
N SER E 181 10.40 -20.48 -2.48
CA SER E 181 10.11 -21.86 -2.08
C SER E 181 8.74 -21.97 -1.41
N SER E 182 8.34 -20.94 -0.66
CA SER E 182 7.01 -20.93 -0.06
C SER E 182 5.92 -20.92 -1.10
N GLY E 183 6.24 -20.55 -2.33
CA GLY E 183 5.24 -20.38 -3.36
C GLY E 183 4.82 -18.94 -3.58
N LEU E 184 5.40 -18.00 -2.84
CA LEU E 184 5.12 -16.57 -2.98
C LEU E 184 6.10 -15.91 -3.95
N TYR E 185 5.64 -14.84 -4.60
CA TYR E 185 6.44 -14.09 -5.55
C TYR E 185 7.06 -12.84 -4.93
N SER E 186 8.16 -12.41 -5.55
CA SER E 186 8.84 -11.15 -5.21
C SER E 186 9.40 -10.54 -6.48
N LEU E 187 9.55 -9.21 -6.47
CA LEU E 187 10.28 -8.54 -7.53
C LEU E 187 10.77 -7.18 -7.03
N SER E 188 11.73 -6.63 -7.76
CA SER E 188 12.32 -5.34 -7.45
C SER E 188 12.22 -4.38 -8.62
N SER E 189 12.09 -3.11 -8.28
CA SER E 189 12.14 -2.05 -9.25
C SER E 189 13.14 -1.03 -8.72
N VAL E 190 14.05 -0.61 -9.57
CA VAL E 190 15.09 0.30 -9.15
C VAL E 190 15.09 1.48 -10.11
N VAL E 191 15.45 2.64 -9.61
CA VAL E 191 15.53 3.83 -10.47
C VAL E 191 16.69 4.70 -10.01
N SER E 192 17.36 5.33 -10.97
CA SER E 192 18.51 6.18 -10.71
C SER E 192 18.11 7.62 -10.95
N VAL E 193 18.57 8.51 -10.08
CA VAL E 193 18.00 9.84 -9.97
C VAL E 193 19.10 10.82 -9.57
N THR E 194 18.86 12.10 -9.87
CA THR E 194 19.80 13.13 -9.47
C THR E 194 19.68 13.41 -7.98
N SER E 195 20.84 13.55 -7.32
CA SER E 195 20.87 13.86 -5.89
C SER E 195 20.11 15.14 -5.53
N SER E 196 19.76 15.98 -6.49
CA SER E 196 18.99 17.18 -6.20
C SER E 196 17.49 17.01 -6.44
N SER E 197 17.04 15.80 -6.77
CA SER E 197 15.65 15.62 -7.17
C SER E 197 14.72 15.57 -5.96
N GLN E 198 13.46 15.95 -6.19
CA GLN E 198 12.37 15.69 -5.27
C GLN E 198 12.40 14.22 -4.86
N PRO E 199 11.77 13.82 -3.76
CA PRO E 199 11.67 12.39 -3.48
C PRO E 199 10.82 11.70 -4.54
N VAL E 200 11.05 10.42 -4.67
CA VAL E 200 10.47 9.60 -5.72
C VAL E 200 9.64 8.48 -5.08
N THR E 201 8.52 8.15 -5.72
CA THR E 201 7.51 7.29 -5.15
C THR E 201 7.21 6.17 -6.11
N CYS E 202 7.36 4.93 -5.63
CA CYS E 202 6.90 3.78 -6.39
C CYS E 202 5.44 3.51 -6.07
N ASN E 203 4.68 3.13 -7.10
CA ASN E 203 3.27 2.78 -6.99
C ASN E 203 3.10 1.32 -7.37
N VAL E 204 2.78 0.47 -6.38
CA VAL E 204 2.66 -0.97 -6.57
C VAL E 204 1.18 -1.33 -6.55
N ALA E 205 0.75 -2.09 -7.56
CA ALA E 205 -0.64 -2.57 -7.64
C ALA E 205 -0.65 -4.08 -7.76
N HIS E 206 -1.51 -4.71 -6.97
CA HIS E 206 -1.68 -6.17 -6.94
C HIS E 206 -3.18 -6.38 -7.10
N PRO E 207 -3.66 -6.42 -8.34
CA PRO E 207 -5.11 -6.51 -8.57
C PRO E 207 -5.79 -7.64 -7.82
N ALA E 208 -5.13 -8.80 -7.73
CA ALA E 208 -5.76 -9.98 -7.14
C ALA E 208 -6.23 -9.73 -5.72
N THR E 209 -5.61 -8.79 -5.01
CA THR E 209 -6.05 -8.46 -3.65
C THR E 209 -6.60 -7.05 -3.55
N ASN E 210 -6.83 -6.37 -4.66
CA ASN E 210 -7.37 -5.00 -4.67
C ASN E 210 -6.52 -4.06 -3.83
N THR E 211 -5.20 -4.18 -3.99
CA THR E 211 -4.23 -3.44 -3.22
C THR E 211 -3.50 -2.43 -4.10
N LYS E 212 -3.23 -1.24 -3.56
CA LYS E 212 -2.25 -0.35 -4.14
C LYS E 212 -1.41 0.19 -3.01
N VAL E 213 -0.09 0.14 -3.16
CA VAL E 213 0.83 0.69 -2.18
C VAL E 213 1.69 1.75 -2.87
N ASP E 214 1.80 2.90 -2.22
CA ASP E 214 2.70 3.98 -2.61
C ASP E 214 3.80 4.03 -1.60
N LYS E 215 5.04 4.03 -2.08
CA LYS E 215 6.19 4.13 -1.19
C LYS E 215 7.09 5.23 -1.69
N THR E 216 7.23 6.28 -0.90
CA THR E 216 8.11 7.38 -1.24
C THR E 216 9.50 7.07 -0.72
N VAL E 217 10.50 7.11 -1.61
CA VAL E 217 11.87 6.79 -1.22
C VAL E 217 12.69 8.05 -1.42
N ALA E 218 13.48 8.41 -0.42
CA ALA E 218 14.32 9.57 -0.55
C ALA E 218 15.70 9.22 -0.05
N PRO E 219 16.74 9.94 -0.51
CA PRO E 219 18.13 9.61 -0.13
C PRO E 219 18.30 9.48 1.39
N SER E 220 18.30 8.22 1.83
CA SER E 220 18.43 7.84 3.24
C SER E 220 19.50 8.66 3.98
N HIS F 8 1.40 -18.86 -54.17
CA HIS F 8 1.18 -20.30 -54.05
C HIS F 8 0.14 -20.57 -52.96
N ILE F 9 -0.39 -21.80 -52.90
CA ILE F 9 -1.43 -22.19 -51.97
C ILE F 9 -0.91 -23.28 -51.05
N GLY F 10 -1.32 -23.22 -49.78
CA GLY F 10 -0.79 -24.10 -48.75
C GLY F 10 -1.65 -25.32 -48.48
N PRO F 11 -1.05 -26.36 -47.88
CA PRO F 11 -1.77 -27.62 -47.67
C PRO F 11 -2.82 -27.57 -46.58
N GLY F 12 -3.66 -26.54 -46.57
CA GLY F 12 -4.68 -26.41 -45.54
C GLY F 12 -5.86 -25.56 -45.97
N ARG F 13 -5.87 -25.15 -47.24
CA ARG F 13 -6.95 -24.31 -47.77
C ARG F 13 -8.32 -24.92 -47.51
N ALA F 14 -8.43 -26.24 -47.60
CA ALA F 14 -9.70 -26.90 -47.35
C ALA F 14 -10.07 -26.82 -45.87
N PHE F 15 -9.09 -27.01 -44.99
CA PHE F 15 -9.37 -27.07 -43.56
C PHE F 15 -9.81 -25.73 -43.00
N TYR F 16 -9.16 -24.64 -43.41
CA TYR F 16 -9.55 -23.33 -42.89
C TYR F 16 -10.85 -22.85 -43.50
N THR F 17 -11.18 -23.33 -44.70
CA THR F 17 -12.41 -22.91 -45.36
C THR F 17 -13.61 -23.69 -44.86
N THR F 18 -13.44 -24.98 -44.60
CA THR F 18 -14.56 -25.80 -44.16
C THR F 18 -14.69 -25.84 -42.65
N GLY F 19 -13.58 -25.70 -41.94
CA GLY F 19 -13.52 -25.98 -40.53
C GLY F 19 -13.55 -27.44 -40.16
N GLU F 20 -13.46 -28.36 -41.13
CA GLU F 20 -13.59 -29.78 -40.85
C GLU F 20 -12.35 -30.53 -41.32
N ILE F 21 -12.07 -31.63 -40.61
CA ILE F 21 -10.93 -32.51 -40.88
C ILE F 21 -11.35 -33.56 -41.90
N ILE F 22 -10.49 -33.79 -42.88
CA ILE F 22 -10.70 -34.85 -43.86
C ILE F 22 -9.38 -35.62 -44.02
N GLY F 23 -9.44 -36.92 -43.73
CA GLY F 23 -8.28 -37.78 -43.78
C GLY F 23 -8.02 -38.34 -45.17
#